data_2UUE
#
_entry.id   2UUE
#
_cell.length_a   74.563
_cell.length_b   113.800
_cell.length_c   155.031
_cell.angle_alpha   90.00
_cell.angle_beta   90.00
_cell.angle_gamma   90.00
#
_symmetry.space_group_name_H-M   'P 21 21 21'
#
loop_
_entity.id
_entity.type
_entity.pdbx_description
1 polymer 'CELL DIVISION PROTEIN KINASE 2'
2 polymer 'CYCLIN A2'
3 polymer 'GVC-TETRAPEPTIDE INHIBITOR'
4 non-polymer 4-METHYL-5-{(2E)-2-[(4-MORPHOLIN-4-YLPHENYL)IMINO]-2,5-DIHYDROPYRIMIDIN-4-YL}-1,3-THIAZOL-2-AMINE
5 non-polymer '1-(3,5-DICHLOROPHENYL)-5-METHYL-1H-1,2,4-TRIAZOLE-3-CARBOXYLIC ACID'
6 water water
#
loop_
_entity_poly.entity_id
_entity_poly.type
_entity_poly.pdbx_seq_one_letter_code
_entity_poly.pdbx_strand_id
1 'polypeptide(L)'
;MENFQKVEKIGEGTYGVVYKARNKLTGEVVALKKIRLDTETEGVPSTAIREISLLKELNHPNIVKLLDVIHTENKLYLVF
EFLHQDLKKFMDASALTGIPLPLIKSYLFQLLQGLAFCHSHRVLHRDLKPQNLLINTEGAIKLADFGLARAFGVPVRTYT
HEVVTLWYRAPEILLGCKYYSTAVDIWSLGCIFAEMVTRRALFPGDSEIDQLFRIFRTLGTPDEVVWPGVTSMPDYKPSF
PKWARQDFSKVVPPLDEDGRSLLSQMLHYDPNKRISAKAALAHPFFQDVTKPVPHLRL
;
A,C
2 'polypeptide(L)'
;EVPDYHEDIHTYLREMEVKCKPKVGYMKKQPDITNSMRAILVDWLVEVGEEYKLQNETLHLAVNYIDRFLSSMSVLRGKL
QLVGTAAMLLASKFEEIYPPEVAEFVYITDDTYTKKQVLRMEHLVLKVLTFDLAAPTVNQFLTQYFLHQQPANCKVESLA
MFLGELSLIDADPYLKYLPSVIAGAAFHLALYTVTGQSWPESLIRKTGYTLESLKPCLMDLHQTYLKAPQHAQQSIREKY
KNSKYHGVSLLNPPETLNL
;
B,D
3 'polypeptide(L)' RLI(PFF)(NH2) E,F
#
# COMPACT_ATOMS: atom_id res chain seq x y z
N MET A 1 -0.14 18.65 8.55
CA MET A 1 -0.78 19.39 9.70
C MET A 1 -1.49 20.71 9.36
N GLU A 2 -1.12 21.31 8.23
CA GLU A 2 -1.67 22.58 7.79
C GLU A 2 -3.15 22.47 7.50
N ASN A 3 -3.65 21.26 7.30
CA ASN A 3 -5.07 21.15 6.98
C ASN A 3 -5.99 21.04 8.17
N PHE A 4 -5.40 21.17 9.36
CA PHE A 4 -6.13 21.00 10.60
C PHE A 4 -6.17 22.28 11.41
N GLN A 5 -7.36 22.60 11.91
CA GLN A 5 -7.55 23.73 12.77
C GLN A 5 -7.93 23.13 14.12
N LYS A 6 -7.10 23.35 15.13
CA LYS A 6 -7.35 22.87 16.47
C LYS A 6 -8.55 23.63 17.00
N VAL A 7 -9.47 22.95 17.66
CA VAL A 7 -10.68 23.58 18.16
C VAL A 7 -10.61 23.73 19.68
N GLU A 8 -10.32 22.63 20.35
CA GLU A 8 -10.16 22.65 21.80
C GLU A 8 -9.41 21.44 22.30
N LYS A 9 -8.81 21.60 23.46
CA LYS A 9 -8.08 20.49 24.05
C LYS A 9 -9.08 19.65 24.80
N ILE A 10 -8.98 18.34 24.64
CA ILE A 10 -9.88 17.45 25.36
C ILE A 10 -9.13 16.68 26.44
N GLY A 11 -8.02 16.04 26.11
CA GLY A 11 -7.08 15.70 27.18
C GLY A 11 -5.64 15.27 26.92
N GLU A 12 -5.25 14.24 27.67
CA GLU A 12 -4.13 13.34 27.36
C GLU A 12 -4.57 11.95 27.84
N GLY A 13 -3.72 10.94 27.59
CA GLY A 13 -4.07 9.55 27.89
C GLY A 13 -2.96 8.79 28.61
N THR A 14 -2.56 7.65 28.05
CA THR A 14 -1.20 7.15 28.27
C THR A 14 -0.20 7.74 27.29
N TYR A 15 -0.28 9.06 27.09
CA TYR A 15 0.92 9.87 26.86
C TYR A 15 0.85 10.72 25.59
N GLY A 16 0.88 12.04 25.77
CA GLY A 16 0.64 12.99 24.67
C GLY A 16 -0.79 13.50 24.58
N VAL A 17 -0.93 14.82 24.49
CA VAL A 17 -2.24 15.47 24.65
C VAL A 17 -3.17 15.34 23.44
N VAL A 18 -4.48 15.46 23.70
CA VAL A 18 -5.57 15.16 22.76
C VAL A 18 -6.46 16.35 22.38
N TYR A 19 -6.46 16.71 21.10
CA TYR A 19 -7.18 17.89 20.69
C TYR A 19 -8.33 17.54 19.74
N LYS A 20 -9.47 18.19 19.95
CA LYS A 20 -10.47 18.25 18.90
C LYS A 20 -9.96 19.18 17.79
N ALA A 21 -9.96 18.70 16.56
CA ALA A 21 -9.50 19.48 15.41
C ALA A 21 -10.50 19.29 14.26
N ARG A 22 -10.57 20.23 13.32
CA ARG A 22 -11.37 20.02 12.11
C ARG A 22 -10.49 20.06 10.88
N ASN A 23 -10.77 19.18 9.92
CA ASN A 23 -10.05 19.25 8.65
C ASN A 23 -10.64 20.41 7.88
N LYS A 24 -9.80 21.39 7.57
CA LYS A 24 -10.22 22.63 6.96
C LYS A 24 -10.67 22.35 5.54
N LEU A 25 -10.24 21.21 4.99
CA LEU A 25 -10.58 20.92 3.60
C LEU A 25 -11.88 20.13 3.42
N THR A 26 -12.14 19.16 4.30
CA THR A 26 -13.23 18.20 4.13
C THR A 26 -14.34 18.46 5.15
N GLY A 27 -13.99 19.25 6.17
CA GLY A 27 -14.91 19.53 7.28
C GLY A 27 -14.98 18.48 8.38
N GLU A 28 -14.27 17.36 8.19
CA GLU A 28 -14.27 16.26 9.17
C GLU A 28 -13.73 16.68 10.53
N VAL A 29 -14.44 16.33 11.59
CA VAL A 29 -13.94 16.53 12.94
C VAL A 29 -13.18 15.30 13.43
N VAL A 30 -11.97 15.54 13.94
CA VAL A 30 -11.12 14.42 14.37
C VAL A 30 -10.61 14.71 15.78
N ALA A 31 -9.99 13.71 16.39
CA ALA A 31 -9.29 13.87 17.67
C ALA A 31 -7.81 13.63 17.37
N LEU A 32 -6.98 14.61 17.65
CA LEU A 32 -5.54 14.49 17.37
C LEU A 32 -4.80 14.20 18.66
N LYS A 33 -4.04 13.11 18.68
CA LYS A 33 -2.98 12.84 19.66
C LYS A 33 -1.64 13.40 19.22
N LYS A 34 -1.09 14.32 19.98
CA LYS A 34 0.19 14.92 19.60
C LYS A 34 1.24 14.27 20.48
N ILE A 35 2.19 13.55 19.87
CA ILE A 35 3.31 12.98 20.63
C ILE A 35 4.52 13.89 20.50
N ARG A 36 4.91 14.47 21.62
CA ARG A 36 6.21 15.10 21.82
C ARG A 36 7.31 14.07 21.60
N LEU A 37 8.08 14.22 20.53
CA LEU A 37 9.17 13.29 20.29
C LEU A 37 10.39 13.77 21.07
N ASP A 38 10.85 12.99 22.05
CA ASP A 38 12.21 13.17 22.54
C ASP A 38 13.26 12.58 21.62
N THR A 39 13.82 13.43 20.78
CA THR A 39 14.63 13.05 19.64
C THR A 39 16.12 12.99 20.03
N GLU A 40 16.40 12.99 21.33
CA GLU A 40 17.75 12.80 21.85
C GLU A 40 17.84 11.79 23.01
N THR A 41 16.75 11.56 23.72
CA THR A 41 16.74 10.59 24.82
C THR A 41 16.07 9.24 24.53
N GLU A 42 14.89 9.22 23.91
CA GLU A 42 14.17 7.95 23.85
C GLU A 42 13.53 7.54 22.53
N GLY A 43 13.20 8.53 21.73
CA GLY A 43 12.54 8.33 20.44
C GLY A 43 11.05 8.06 20.59
N VAL A 44 10.51 7.34 19.62
CA VAL A 44 9.08 7.05 19.64
C VAL A 44 8.75 6.12 20.77
N PRO A 45 7.81 6.54 21.63
CA PRO A 45 7.44 5.79 22.80
C PRO A 45 6.76 4.46 22.45
N SER A 46 6.98 3.45 23.29
CA SER A 46 6.49 2.14 22.93
C SER A 46 4.96 2.16 22.90
N THR A 47 4.30 3.09 23.60
CA THR A 47 2.84 3.13 23.60
C THR A 47 2.36 3.50 22.21
N ALA A 48 3.08 4.41 21.57
CA ALA A 48 2.70 4.85 20.23
C ALA A 48 3.03 3.78 19.18
N ILE A 49 4.10 3.01 19.40
CA ILE A 49 4.51 1.92 18.49
C ILE A 49 3.43 0.86 18.50
N ARG A 50 3.00 0.47 19.69
CA ARG A 50 1.92 -0.50 19.80
C ARG A 50 0.57 -0.01 19.31
N GLU A 51 0.13 1.16 19.78
CA GLU A 51 -1.18 1.67 19.38
C GLU A 51 -1.28 1.77 17.86
N ILE A 52 -0.26 2.34 17.24
CA ILE A 52 -0.34 2.52 15.79
C ILE A 52 -0.32 1.22 15.03
N SER A 53 0.61 0.35 15.39
CA SER A 53 0.78 -0.85 14.60
C SER A 53 -0.42 -1.77 14.77
N LEU A 54 -0.97 -1.84 15.99
CA LEU A 54 -2.17 -2.63 16.23
C LEU A 54 -3.47 -2.05 15.68
N LEU A 55 -3.69 -0.74 15.85
CA LEU A 55 -4.91 -0.12 15.36
C LEU A 55 -4.99 -0.15 13.85
N LYS A 56 -3.83 -0.04 13.19
CA LYS A 56 -3.82 0.00 11.74
C LYS A 56 -4.40 -1.31 11.23
N GLU A 57 -4.23 -2.38 12.01
CA GLU A 57 -4.75 -3.70 11.64
C GLU A 57 -6.23 -3.91 11.90
N LEU A 58 -6.79 -3.15 12.84
CA LEU A 58 -8.08 -3.49 13.44
C LEU A 58 -9.13 -2.54 12.84
N ASN A 59 -9.92 -3.01 11.89
CA ASN A 59 -10.97 -2.17 11.34
C ASN A 59 -12.31 -2.72 11.74
N HIS A 60 -12.98 -2.07 12.69
CA HIS A 60 -14.21 -2.61 13.25
C HIS A 60 -15.08 -1.49 13.82
N PRO A 61 -16.41 -1.58 13.66
CA PRO A 61 -17.32 -0.51 14.10
C PRO A 61 -17.17 -0.14 15.56
N ASN A 62 -16.67 -1.06 16.37
CA ASN A 62 -16.57 -0.86 17.83
C ASN A 62 -15.15 -0.75 18.37
N ILE A 63 -14.23 -0.41 17.48
CA ILE A 63 -12.84 -0.05 17.77
C ILE A 63 -12.50 1.30 17.15
N VAL A 64 -12.07 2.24 17.99
CA VAL A 64 -11.76 3.56 17.50
C VAL A 64 -10.91 3.52 16.21
N LYS A 65 -11.24 4.34 15.22
CA LYS A 65 -10.57 4.28 13.92
C LYS A 65 -9.41 5.23 13.97
N LEU A 66 -8.23 4.70 13.62
CA LEU A 66 -7.03 5.53 13.46
C LEU A 66 -7.07 5.96 12.00
N LEU A 67 -7.18 7.26 11.73
CA LEU A 67 -7.37 7.72 10.36
C LEU A 67 -6.05 7.99 9.64
N ASP A 68 -5.03 8.49 10.34
CA ASP A 68 -3.80 8.86 9.66
C ASP A 68 -2.74 9.00 10.73
N VAL A 69 -1.49 8.81 10.36
CA VAL A 69 -0.37 9.17 11.25
C VAL A 69 0.51 10.19 10.53
N ILE A 70 0.76 11.32 11.17
CA ILE A 70 1.48 12.40 10.50
C ILE A 70 2.81 12.58 11.21
N HIS A 71 3.87 12.29 10.46
CA HIS A 71 5.13 11.89 11.06
C HIS A 71 6.11 12.95 10.60
N THR A 72 6.64 13.72 11.54
CA THR A 72 7.59 14.75 11.16
C THR A 72 8.83 14.62 12.04
N GLU A 73 9.90 15.30 11.63
CA GLU A 73 11.14 15.34 12.40
C GLU A 73 10.89 15.54 13.90
N ASN A 74 10.17 16.60 14.23
CA ASN A 74 9.93 16.96 15.63
C ASN A 74 8.68 16.34 16.21
N LYS A 75 7.71 16.01 15.37
CA LYS A 75 6.41 15.63 15.90
C LYS A 75 5.73 14.41 15.27
N LEU A 76 5.03 13.65 16.09
CA LEU A 76 4.23 12.53 15.61
C LEU A 76 2.76 12.83 15.84
N TYR A 77 1.93 12.82 14.80
CA TYR A 77 0.52 13.17 15.05
C TYR A 77 -0.35 11.98 14.71
N LEU A 78 -1.16 11.52 15.67
CA LEU A 78 -2.16 10.48 15.44
C LEU A 78 -3.58 11.06 15.27
N VAL A 79 -4.24 10.74 14.16
CA VAL A 79 -5.54 11.29 13.81
C VAL A 79 -6.56 10.15 13.91
N PHE A 80 -7.54 10.30 14.80
CA PHE A 80 -8.52 9.28 15.14
C PHE A 80 -9.87 9.91 14.80
N GLU A 81 -10.86 9.09 14.50
CA GLU A 81 -12.24 9.55 14.49
C GLU A 81 -12.56 10.16 15.84
N PHE A 82 -13.41 11.18 15.85
CA PHE A 82 -13.72 11.90 17.06
C PHE A 82 -14.94 11.25 17.72
N LEU A 83 -14.84 11.03 19.02
CA LEU A 83 -15.94 10.50 19.81
C LEU A 83 -16.06 11.36 21.07
N HIS A 84 -17.27 11.77 21.39
CA HIS A 84 -17.35 12.99 22.20
C HIS A 84 -17.25 12.75 23.71
N GLN A 85 -17.39 11.52 24.18
CA GLN A 85 -17.01 11.31 25.56
C GLN A 85 -16.76 9.90 25.99
N ASP A 86 -16.13 9.77 27.16
CA ASP A 86 -15.83 8.45 27.69
C ASP A 86 -16.94 7.92 28.59
N LEU A 87 -17.05 6.59 28.71
CA LEU A 87 -17.98 5.98 29.64
C LEU A 87 -17.84 6.52 31.08
N LYS A 88 -16.63 6.79 31.52
CA LYS A 88 -16.42 7.13 32.92
C LYS A 88 -17.17 8.43 33.23
N LYS A 89 -17.02 9.39 32.33
CA LYS A 89 -17.67 10.68 32.48
C LYS A 89 -19.18 10.56 32.33
N PHE A 90 -19.63 9.76 31.37
CA PHE A 90 -21.06 9.51 31.21
C PHE A 90 -21.63 8.85 32.47
N MET A 91 -20.90 7.90 33.05
CA MET A 91 -21.43 7.27 34.25
C MET A 91 -21.50 8.31 35.35
N ASP A 92 -20.48 9.14 35.46
CA ASP A 92 -20.47 10.15 36.51
C ASP A 92 -21.71 11.02 36.36
N ALA A 93 -22.01 11.39 35.12
CA ALA A 93 -23.11 12.29 34.81
C ALA A 93 -24.47 11.61 34.89
N SER A 94 -24.48 10.28 34.87
CA SER A 94 -25.71 9.50 34.99
C SER A 94 -25.86 8.96 36.40
N ALA A 95 -25.03 9.47 37.32
CA ALA A 95 -25.02 8.98 38.69
C ALA A 95 -26.32 9.45 39.33
N LEU A 96 -26.88 8.68 40.26
CA LEU A 96 -28.12 9.11 40.88
C LEU A 96 -29.37 8.69 40.08
N THR A 97 -29.34 8.87 38.77
CA THR A 97 -30.37 8.28 37.91
C THR A 97 -30.08 6.82 37.55
N GLY A 98 -28.81 6.51 37.30
CA GLY A 98 -28.41 5.31 36.57
C GLY A 98 -28.47 5.42 35.05
N ILE A 99 -27.51 4.77 34.39
CA ILE A 99 -27.63 4.46 32.97
C ILE A 99 -28.72 3.42 32.81
N PRO A 100 -29.72 3.71 31.94
CA PRO A 100 -30.86 2.83 31.70
C PRO A 100 -30.36 1.46 31.30
N LEU A 101 -31.03 0.42 31.77
CA LEU A 101 -30.68 -0.95 31.46
C LEU A 101 -30.46 -1.19 29.98
N PRO A 102 -31.43 -0.78 29.16
CA PRO A 102 -31.32 -1.14 27.74
C PRO A 102 -30.00 -0.64 27.13
N LEU A 103 -29.52 0.49 27.63
CA LEU A 103 -28.34 1.11 27.06
C LEU A 103 -27.14 0.34 27.58
N ILE A 104 -27.19 -0.04 28.86
CA ILE A 104 -26.17 -0.91 29.44
C ILE A 104 -25.99 -2.15 28.58
N LYS A 105 -27.12 -2.74 28.20
CA LYS A 105 -27.09 -3.98 27.42
C LYS A 105 -26.51 -3.75 26.02
N SER A 106 -26.81 -2.61 25.41
CA SER A 106 -26.35 -2.36 24.06
C SER A 106 -24.82 -2.09 24.06
N TYR A 107 -24.36 -1.26 24.99
CA TYR A 107 -22.94 -1.04 25.22
C TYR A 107 -22.16 -2.33 25.46
N LEU A 108 -22.63 -3.18 26.35
CA LEU A 108 -21.93 -4.44 26.58
C LEU A 108 -21.81 -5.28 25.32
N PHE A 109 -22.89 -5.33 24.54
CA PHE A 109 -22.96 -6.17 23.35
C PHE A 109 -21.97 -5.69 22.30
N GLN A 110 -21.92 -4.37 22.12
CA GLN A 110 -20.97 -3.74 21.21
C GLN A 110 -19.51 -3.86 21.70
N LEU A 111 -19.26 -3.64 22.99
CA LEU A 111 -17.90 -3.89 23.54
C LEU A 111 -17.40 -5.30 23.28
N LEU A 112 -18.32 -6.26 23.36
CA LEU A 112 -17.95 -7.66 23.20
C LEU A 112 -17.60 -7.98 21.77
N GLN A 113 -18.27 -7.30 20.83
CA GLN A 113 -17.94 -7.49 19.43
C GLN A 113 -16.59 -6.88 19.11
N GLY A 114 -16.37 -5.67 19.63
CA GLY A 114 -15.06 -5.04 19.54
C GLY A 114 -13.99 -6.01 20.03
N LEU A 115 -14.22 -6.60 21.19
CA LEU A 115 -13.20 -7.37 21.87
C LEU A 115 -12.98 -8.68 21.13
N ALA A 116 -14.07 -9.26 20.66
CA ALA A 116 -13.96 -10.53 19.94
C ALA A 116 -13.15 -10.34 18.69
N PHE A 117 -13.38 -9.22 18.01
CA PHE A 117 -12.55 -8.84 16.88
C PHE A 117 -11.06 -8.72 17.27
N CYS A 118 -10.75 -8.01 18.33
CA CYS A 118 -9.35 -7.90 18.75
C CYS A 118 -8.77 -9.29 18.97
N HIS A 119 -9.47 -10.09 19.75
CA HIS A 119 -8.90 -11.38 20.17
C HIS A 119 -8.70 -12.36 19.03
N SER A 120 -9.60 -12.32 18.04
CA SER A 120 -9.42 -13.15 16.86
C SER A 120 -8.40 -12.56 15.88
N HIS A 121 -7.97 -11.31 16.07
CA HIS A 121 -6.74 -10.78 15.48
C HIS A 121 -5.48 -10.77 16.35
N ARG A 122 -5.38 -11.67 17.33
CA ARG A 122 -4.25 -11.71 18.29
C ARG A 122 -3.82 -10.44 19.01
N VAL A 123 -4.80 -9.60 19.34
CA VAL A 123 -4.54 -8.39 20.11
C VAL A 123 -5.22 -8.46 21.49
N LEU A 124 -4.45 -8.34 22.57
CA LEU A 124 -4.97 -8.14 23.93
C LEU A 124 -4.93 -6.67 24.23
N HIS A 125 -5.99 -6.11 24.80
CA HIS A 125 -6.06 -4.68 25.05
C HIS A 125 -5.33 -4.43 26.38
N ARG A 126 -5.65 -5.23 27.37
CA ARG A 126 -4.94 -5.21 28.65
C ARG A 126 -5.35 -4.10 29.60
N ASP A 127 -6.04 -3.08 29.10
CA ASP A 127 -6.24 -1.88 29.91
C ASP A 127 -7.67 -1.39 29.76
N LEU A 128 -8.64 -2.28 29.80
CA LEU A 128 -10.02 -1.86 29.62
C LEU A 128 -10.51 -1.25 30.92
N LYS A 129 -10.99 -0.02 30.84
CA LYS A 129 -11.65 0.63 31.98
C LYS A 129 -12.53 1.67 31.33
N PRO A 130 -13.46 2.24 32.10
CA PRO A 130 -14.48 3.08 31.50
C PRO A 130 -13.86 4.29 30.77
N GLN A 131 -12.73 4.78 31.23
CA GLN A 131 -12.06 5.95 30.63
C GLN A 131 -11.54 5.65 29.22
N ASN A 132 -11.33 4.38 28.92
CA ASN A 132 -10.85 3.96 27.61
C ASN A 132 -12.00 3.54 26.68
N LEU A 133 -13.23 3.76 27.11
CA LEU A 133 -14.42 3.35 26.35
C LEU A 133 -15.18 4.61 25.92
N LEU A 134 -15.24 4.84 24.62
CA LEU A 134 -15.63 6.13 24.08
C LEU A 134 -16.99 5.99 23.43
N ILE A 135 -17.87 6.96 23.66
CA ILE A 135 -19.25 6.89 23.09
C ILE A 135 -19.54 8.08 22.16
N ASN A 136 -20.43 7.88 21.21
CA ASN A 136 -20.95 9.02 20.47
C ASN A 136 -22.42 9.29 20.79
N THR A 137 -23.03 10.26 20.11
CA THR A 137 -24.44 10.62 20.35
C THR A 137 -25.47 9.70 19.68
N GLU A 138 -25.02 8.76 18.86
CA GLU A 138 -25.92 7.86 18.16
C GLU A 138 -26.07 6.50 18.84
N GLY A 139 -25.45 6.34 20.00
CA GLY A 139 -25.56 5.10 20.75
C GLY A 139 -24.47 4.07 20.55
N ALA A 140 -23.38 4.41 19.86
CA ALA A 140 -22.28 3.45 19.69
C ALA A 140 -21.25 3.67 20.82
N ILE A 141 -20.51 2.62 21.16
CA ILE A 141 -19.40 2.68 22.10
C ILE A 141 -18.26 1.94 21.44
N LYS A 142 -17.01 2.40 21.57
CA LYS A 142 -15.85 1.80 20.93
C LYS A 142 -14.71 1.65 21.94
N LEU A 143 -13.92 0.61 21.77
CA LEU A 143 -12.66 0.46 22.51
C LEU A 143 -11.66 1.48 22.00
N ALA A 144 -10.97 2.12 22.94
CA ALA A 144 -9.97 3.08 22.57
C ALA A 144 -8.71 2.88 23.44
N ASP A 145 -7.71 3.73 23.20
CA ASP A 145 -6.46 3.72 23.96
C ASP A 145 -5.73 2.40 23.98
N PHE A 146 -5.08 2.08 22.87
CA PHE A 146 -4.45 0.77 22.71
C PHE A 146 -2.95 0.87 22.99
N GLY A 147 -2.55 1.84 23.82
CA GLY A 147 -1.11 2.10 24.04
C GLY A 147 -0.44 0.99 24.86
N LEU A 148 -1.25 0.24 25.60
CA LEU A 148 -0.76 -0.89 26.39
C LEU A 148 -1.06 -2.24 25.75
N ALA A 149 -1.66 -2.21 24.57
CA ALA A 149 -2.15 -3.42 23.95
C ALA A 149 -0.96 -4.24 23.43
N ARG A 150 -1.13 -5.56 23.34
CA ARG A 150 -0.02 -6.42 22.89
C ARG A 150 -0.49 -7.42 21.85
N ALA A 151 0.33 -7.70 20.84
CA ALA A 151 0.13 -8.89 19.99
C ALA A 151 0.47 -10.14 20.76
N PHE A 152 -0.39 -11.15 20.65
CA PHE A 152 -0.16 -12.40 21.36
C PHE A 152 0.02 -13.65 20.46
N GLY A 153 0.53 -13.45 19.25
CA GLY A 153 1.02 -14.61 18.47
C GLY A 153 2.02 -15.47 19.26
N VAL A 154 2.64 -14.87 20.27
CA VAL A 154 3.43 -15.57 21.27
C VAL A 154 2.91 -15.11 22.66
N PRO A 155 2.80 -15.99 23.66
CA PRO A 155 2.09 -15.58 24.88
C PRO A 155 2.72 -14.33 25.50
N VAL A 156 1.89 -13.44 26.03
CA VAL A 156 2.37 -12.17 26.59
C VAL A 156 2.79 -12.30 28.05
N ARG A 157 4.04 -11.96 28.33
CA ARG A 157 4.58 -12.14 29.67
C ARG A 157 4.15 -11.00 30.57
N THR A 158 3.75 -11.32 31.79
CA THR A 158 3.15 -10.33 32.67
C THR A 158 4.30 -9.63 33.37
N TYR A 159 3.95 -8.47 33.93
CA TYR A 159 4.90 -7.47 34.39
C TYR A 159 5.00 -7.65 35.91
N THR A 160 6.10 -8.21 36.40
CA THR A 160 6.33 -8.24 37.85
C THR A 160 5.55 -7.13 38.57
N HIS A 161 5.77 -5.90 38.13
CA HIS A 161 5.08 -4.75 38.69
C HIS A 161 4.08 -4.20 37.68
N GLU A 162 2.80 -4.54 37.88
CA GLU A 162 1.77 -4.14 36.95
C GLU A 162 1.55 -2.62 36.96
N VAL A 163 1.72 -2.00 35.80
CA VAL A 163 1.43 -0.57 35.67
C VAL A 163 0.07 -0.33 34.98
N VAL A 164 -0.95 -1.07 35.38
CA VAL A 164 -2.03 -1.40 34.45
C VAL A 164 -3.45 -1.27 35.01
N THR A 165 -3.58 -0.59 36.15
CA THR A 165 -4.86 -0.41 36.86
C THR A 165 -5.22 -1.58 37.74
N LEU A 166 -5.92 -1.29 38.84
CA LEU A 166 -6.07 -2.23 39.93
C LEU A 166 -7.48 -2.78 39.88
N TRP A 167 -8.43 -1.85 39.76
CA TRP A 167 -9.82 -2.15 40.04
C TRP A 167 -10.42 -3.18 39.03
N TYR A 168 -9.81 -3.27 37.86
CA TYR A 168 -10.33 -4.06 36.74
C TYR A 168 -9.30 -5.16 36.47
N ARG A 169 -8.42 -5.37 37.44
CA ARG A 169 -7.39 -6.37 37.28
C ARG A 169 -7.91 -7.75 37.67
N ALA A 170 -7.53 -8.74 36.88
CA ALA A 170 -8.03 -10.10 37.03
C ALA A 170 -7.23 -10.81 38.13
N PRO A 171 -7.89 -11.76 38.81
CA PRO A 171 -7.23 -12.41 39.92
C PRO A 171 -6.03 -13.29 39.55
N GLU A 172 -6.02 -13.86 38.35
CA GLU A 172 -4.84 -14.61 37.94
C GLU A 172 -3.59 -13.72 37.89
N ILE A 173 -3.76 -12.43 37.59
CA ILE A 173 -2.64 -11.52 37.55
C ILE A 173 -2.24 -11.05 38.95
N LEU A 174 -3.23 -10.71 39.77
CA LEU A 174 -3.01 -10.44 41.17
C LEU A 174 -2.26 -11.58 41.90
N LEU A 175 -2.34 -12.80 41.41
CA LEU A 175 -1.82 -13.97 42.12
C LEU A 175 -0.50 -14.48 41.52
N GLY A 176 -0.03 -13.81 40.47
CA GLY A 176 1.39 -13.87 40.09
C GLY A 176 1.53 -14.69 38.84
N CYS A 177 0.44 -14.82 38.10
CA CYS A 177 0.49 -15.57 36.87
C CYS A 177 1.60 -15.06 35.92
N LYS A 178 2.13 -15.96 35.09
CA LYS A 178 3.32 -15.66 34.30
C LYS A 178 2.97 -14.98 32.97
N TYR A 179 1.82 -15.34 32.42
CA TYR A 179 1.32 -14.79 31.16
C TYR A 179 -0.04 -14.13 31.29
N TYR A 180 -0.34 -13.23 30.35
CA TYR A 180 -1.71 -12.74 30.19
C TYR A 180 -2.50 -13.71 29.33
N SER A 181 -3.81 -13.58 29.34
CA SER A 181 -4.56 -14.26 28.28
C SER A 181 -5.72 -13.37 27.96
N THR A 182 -6.51 -13.76 26.97
CA THR A 182 -7.67 -12.95 26.59
C THR A 182 -8.70 -12.92 27.71
N ALA A 183 -8.59 -13.84 28.66
CA ALA A 183 -9.49 -13.76 29.79
C ALA A 183 -9.32 -12.55 30.70
N VAL A 184 -8.20 -11.84 30.65
CA VAL A 184 -8.10 -10.65 31.51
C VAL A 184 -8.97 -9.55 30.94
N ASP A 185 -9.12 -9.55 29.62
CA ASP A 185 -9.95 -8.52 29.01
C ASP A 185 -11.39 -8.82 29.38
N ILE A 186 -11.78 -10.09 29.38
CA ILE A 186 -13.17 -10.43 29.72
C ILE A 186 -13.49 -10.08 31.18
N TRP A 187 -12.55 -10.32 32.08
CA TRP A 187 -12.72 -9.93 33.49
C TRP A 187 -12.98 -8.44 33.63
N SER A 188 -12.12 -7.59 33.06
CA SER A 188 -12.37 -6.14 33.13
C SER A 188 -13.76 -5.78 32.63
N LEU A 189 -14.09 -6.29 31.46
CA LEU A 189 -15.41 -6.01 30.90
C LEU A 189 -16.57 -6.41 31.82
N GLY A 190 -16.42 -7.55 32.50
CA GLY A 190 -17.34 -7.97 33.55
C GLY A 190 -17.42 -6.96 34.66
N CYS A 191 -16.28 -6.40 35.06
CA CYS A 191 -16.25 -5.38 36.11
C CYS A 191 -16.99 -4.10 35.72
N ILE A 192 -16.84 -3.72 34.46
CA ILE A 192 -17.42 -2.49 33.90
C ILE A 192 -18.92 -2.67 33.75
N PHE A 193 -19.35 -3.85 33.35
CA PHE A 193 -20.77 -4.21 33.26
C PHE A 193 -21.43 -3.99 34.64
N ALA A 194 -20.87 -4.60 35.68
CA ALA A 194 -21.41 -4.48 37.02
C ALA A 194 -21.46 -3.00 37.44
N GLU A 195 -20.39 -2.27 37.14
CA GLU A 195 -20.27 -0.88 37.54
C GLU A 195 -21.33 0.00 36.87
N MET A 196 -21.62 -0.27 35.59
CA MET A 196 -22.75 0.37 34.93
C MET A 196 -24.02 0.07 35.71
N VAL A 197 -24.21 -1.19 36.07
CA VAL A 197 -25.46 -1.61 36.68
C VAL A 197 -25.63 -1.00 38.07
N THR A 198 -24.58 -1.08 38.90
CA THR A 198 -24.75 -0.74 40.30
C THR A 198 -24.39 0.71 40.53
N ARG A 199 -23.75 1.35 39.55
CA ARG A 199 -23.33 2.74 39.69
C ARG A 199 -22.08 2.95 40.55
N ARG A 200 -21.44 1.85 40.97
CA ARG A 200 -20.09 1.95 41.53
C ARG A 200 -19.17 0.78 41.19
N ALA A 201 -17.87 1.04 41.18
CA ALA A 201 -16.89 0.00 40.89
C ALA A 201 -17.18 -1.29 41.70
N LEU A 202 -17.18 -2.44 41.00
CA LEU A 202 -17.40 -3.74 41.64
C LEU A 202 -16.37 -3.95 42.76
N PHE A 203 -15.10 -3.71 42.46
CA PHE A 203 -13.99 -4.19 43.27
C PHE A 203 -12.96 -3.06 43.45
N PRO A 204 -13.26 -2.06 44.29
CA PRO A 204 -12.41 -0.86 44.35
C PRO A 204 -11.25 -0.98 45.35
N GLY A 205 -10.22 -1.74 45.00
CA GLY A 205 -9.11 -2.04 45.91
C GLY A 205 -8.05 -0.97 46.05
N ASP A 206 -7.50 -0.85 47.26
CA ASP A 206 -6.45 0.13 47.55
C ASP A 206 -5.02 -0.42 47.50
N SER A 207 -4.85 -1.74 47.40
CA SER A 207 -3.56 -2.30 46.94
C SER A 207 -3.82 -3.67 46.34
N GLU A 208 -2.78 -4.29 45.77
CA GLU A 208 -2.90 -5.62 45.20
C GLU A 208 -3.61 -6.59 46.17
N ILE A 209 -3.18 -6.59 47.44
CA ILE A 209 -3.75 -7.53 48.39
C ILE A 209 -5.16 -7.14 48.81
N ASP A 210 -5.41 -5.85 48.96
CA ASP A 210 -6.77 -5.40 49.24
C ASP A 210 -7.69 -5.61 48.02
N GLN A 211 -7.15 -5.49 46.81
CA GLN A 211 -7.93 -5.82 45.59
C GLN A 211 -8.42 -7.28 45.66
N LEU A 212 -7.47 -8.19 45.88
CA LEU A 212 -7.76 -9.63 45.91
C LEU A 212 -8.83 -9.90 46.94
N PHE A 213 -8.66 -9.33 48.11
CA PHE A 213 -9.54 -9.66 49.21
C PHE A 213 -10.94 -9.14 48.95
N ARG A 214 -11.03 -8.03 48.23
CA ARG A 214 -12.34 -7.53 47.79
C ARG A 214 -13.01 -8.48 46.79
N ILE A 215 -12.23 -9.03 45.87
CA ILE A 215 -12.80 -10.01 44.96
C ILE A 215 -13.22 -11.23 45.76
N PHE A 216 -12.31 -11.75 46.59
CA PHE A 216 -12.62 -12.89 47.46
C PHE A 216 -13.88 -12.63 48.29
N ARG A 217 -13.99 -11.43 48.84
CA ARG A 217 -15.19 -11.10 49.61
C ARG A 217 -16.51 -11.22 48.84
N THR A 218 -16.48 -11.01 47.54
CA THR A 218 -17.72 -11.06 46.76
C THR A 218 -17.97 -12.41 46.10
N LEU A 219 -16.91 -13.04 45.60
CA LEU A 219 -17.08 -14.26 44.79
C LEU A 219 -16.70 -15.47 45.64
N GLY A 220 -16.18 -15.19 46.83
CA GLY A 220 -15.71 -16.25 47.69
C GLY A 220 -14.28 -16.59 47.44
N THR A 221 -13.60 -17.08 48.47
CA THR A 221 -12.21 -17.49 48.33
C THR A 221 -12.09 -18.71 47.44
N PRO A 222 -11.26 -18.63 46.40
CA PRO A 222 -11.05 -19.77 45.50
C PRO A 222 -10.26 -20.91 46.16
N ASP A 223 -10.51 -22.13 45.72
CA ASP A 223 -9.69 -23.27 46.12
C ASP A 223 -9.47 -24.13 44.87
N GLU A 224 -8.85 -25.28 45.06
CA GLU A 224 -8.56 -26.18 43.94
C GLU A 224 -9.76 -26.65 43.14
N VAL A 225 -10.93 -26.71 43.79
CA VAL A 225 -12.10 -27.23 43.11
C VAL A 225 -12.58 -26.20 42.09
N VAL A 226 -12.86 -25.00 42.58
CA VAL A 226 -13.23 -23.86 41.73
C VAL A 226 -12.15 -23.45 40.71
N TRP A 227 -10.88 -23.63 41.08
CA TRP A 227 -9.81 -23.15 40.23
C TRP A 227 -8.55 -23.97 40.45
N PRO A 228 -8.44 -25.06 39.68
CA PRO A 228 -7.35 -26.00 39.75
C PRO A 228 -6.04 -25.26 39.52
N GLY A 229 -5.13 -25.33 40.48
CA GLY A 229 -3.90 -24.55 40.40
C GLY A 229 -3.76 -23.43 41.40
N VAL A 230 -4.84 -22.80 41.83
CA VAL A 230 -4.65 -21.55 42.57
C VAL A 230 -3.59 -21.70 43.65
N THR A 231 -3.54 -22.88 44.27
CA THR A 231 -2.90 -23.03 45.57
C THR A 231 -1.40 -23.05 45.33
N SER A 232 -1.01 -23.43 44.12
CA SER A 232 0.38 -23.35 43.68
C SER A 232 0.70 -22.15 42.78
N MET A 233 0.01 -21.03 42.97
CA MET A 233 0.37 -19.81 42.26
C MET A 233 1.27 -18.93 43.10
N PRO A 234 2.28 -18.31 42.46
CA PRO A 234 3.37 -17.66 43.17
C PRO A 234 2.90 -16.86 44.39
N ASP A 235 1.73 -16.22 44.29
CA ASP A 235 1.40 -15.22 45.28
C ASP A 235 0.26 -15.69 46.17
N TYR A 236 -0.15 -16.94 45.96
CA TYR A 236 -1.14 -17.62 46.81
C TYR A 236 -0.63 -18.02 48.20
N LYS A 237 -1.36 -17.65 49.23
CA LYS A 237 -1.00 -17.99 50.60
C LYS A 237 -2.11 -18.81 51.27
N PRO A 238 -1.72 -19.87 52.00
CA PRO A 238 -2.68 -20.66 52.77
C PRO A 238 -3.42 -19.80 53.81
N SER A 239 -2.84 -18.66 54.17
CA SER A 239 -3.42 -17.81 55.18
C SER A 239 -4.48 -16.81 54.69
N PHE A 240 -4.77 -16.83 53.39
CA PHE A 240 -5.89 -16.04 52.87
C PHE A 240 -7.14 -16.35 53.70
N PRO A 241 -7.84 -15.31 54.20
CA PRO A 241 -9.11 -15.55 54.87
C PRO A 241 -10.07 -16.29 53.94
N LYS A 242 -11.02 -17.01 54.54
CA LYS A 242 -11.93 -17.84 53.78
C LYS A 242 -13.31 -17.23 53.79
N TRP A 243 -13.69 -16.56 52.70
CA TRP A 243 -15.04 -16.06 52.59
C TRP A 243 -15.89 -17.02 51.77
N ALA A 244 -17.21 -16.86 51.87
CA ALA A 244 -18.13 -17.63 51.03
C ALA A 244 -18.63 -16.78 49.86
N ARG A 245 -19.08 -17.43 48.80
CA ARG A 245 -19.60 -16.69 47.65
C ARG A 245 -20.95 -16.06 48.00
N GLN A 246 -20.98 -14.74 48.04
CA GLN A 246 -22.20 -13.96 47.82
C GLN A 246 -23.06 -14.37 46.63
N ASP A 247 -24.37 -14.37 46.84
CA ASP A 247 -25.37 -14.52 45.77
C ASP A 247 -25.46 -13.23 44.96
N PHE A 248 -25.49 -13.37 43.64
CA PHE A 248 -25.34 -12.25 42.73
C PHE A 248 -26.56 -11.34 42.75
N SER A 249 -27.65 -11.82 43.35
CA SER A 249 -28.84 -11.00 43.47
C SER A 249 -28.53 -9.83 44.40
N LYS A 250 -27.57 -10.03 45.29
CA LYS A 250 -27.19 -9.01 46.25
C LYS A 250 -26.05 -8.17 45.70
N VAL A 251 -25.25 -8.76 44.81
CA VAL A 251 -24.15 -8.02 44.21
C VAL A 251 -24.68 -7.06 43.14
N VAL A 252 -25.50 -7.58 42.25
CA VAL A 252 -26.10 -6.75 41.18
C VAL A 252 -27.63 -6.76 41.21
N PRO A 253 -28.25 -6.06 42.18
CA PRO A 253 -29.69 -6.19 42.38
C PRO A 253 -30.57 -5.98 41.14
N PRO A 254 -30.34 -4.89 40.38
CA PRO A 254 -31.22 -4.56 39.26
C PRO A 254 -31.20 -5.60 38.16
N LEU A 255 -30.27 -6.56 38.24
CA LEU A 255 -30.03 -7.41 37.08
C LEU A 255 -30.99 -8.58 37.11
N ASP A 256 -31.54 -8.90 35.94
CA ASP A 256 -32.36 -10.11 35.81
C ASP A 256 -31.50 -11.36 35.75
N GLU A 257 -32.15 -12.50 35.63
CA GLU A 257 -31.46 -13.76 35.80
C GLU A 257 -30.50 -13.99 34.65
N ASP A 258 -30.82 -13.42 33.49
CA ASP A 258 -29.94 -13.59 32.33
C ASP A 258 -28.62 -12.82 32.48
N GLY A 259 -28.73 -11.58 32.97
CA GLY A 259 -27.59 -10.70 33.21
C GLY A 259 -26.71 -11.31 34.28
N ARG A 260 -27.35 -11.78 35.35
CA ARG A 260 -26.60 -12.39 36.44
C ARG A 260 -25.79 -13.58 35.95
N SER A 261 -26.38 -14.34 35.03
CA SER A 261 -25.69 -15.53 34.53
C SER A 261 -24.48 -15.18 33.65
N LEU A 262 -24.64 -14.17 32.80
CA LEU A 262 -23.55 -13.80 31.91
C LEU A 262 -22.44 -13.19 32.78
N LEU A 263 -22.79 -12.30 33.68
CA LEU A 263 -21.83 -11.67 34.56
C LEU A 263 -21.05 -12.70 35.32
N SER A 264 -21.73 -13.76 35.78
CA SER A 264 -21.06 -14.78 36.60
C SER A 264 -20.07 -15.58 35.76
N GLN A 265 -20.38 -15.70 34.47
CA GLN A 265 -19.45 -16.38 33.58
C GLN A 265 -18.27 -15.51 33.13
N MET A 266 -18.47 -14.20 33.11
CA MET A 266 -17.38 -13.26 32.81
C MET A 266 -16.42 -13.12 34.00
N LEU A 267 -16.89 -13.47 35.21
CA LEU A 267 -16.08 -13.31 36.43
C LEU A 267 -15.73 -14.64 37.07
N HIS A 268 -15.70 -15.66 36.23
CA HIS A 268 -15.19 -16.96 36.62
C HIS A 268 -13.73 -16.85 37.05
N TYR A 269 -13.39 -17.39 38.21
CA TYR A 269 -11.99 -17.31 38.68
C TYR A 269 -11.02 -17.97 37.70
N ASP A 270 -11.43 -19.08 37.10
CA ASP A 270 -10.48 -19.84 36.30
C ASP A 270 -10.45 -19.33 34.87
N PRO A 271 -9.29 -18.78 34.47
CA PRO A 271 -9.15 -18.12 33.17
C PRO A 271 -9.48 -19.08 32.02
N ASN A 272 -9.20 -20.35 32.23
CA ASN A 272 -9.62 -21.40 31.31
C ASN A 272 -11.12 -21.60 31.20
N LYS A 273 -11.87 -21.21 32.23
CA LYS A 273 -13.32 -21.34 32.14
C LYS A 273 -14.10 -20.09 31.85
N ARG A 274 -13.45 -18.95 32.01
CA ARG A 274 -14.15 -17.68 31.95
C ARG A 274 -14.64 -17.61 30.51
N ILE A 275 -15.84 -17.09 30.30
CA ILE A 275 -16.40 -17.03 28.97
C ILE A 275 -15.57 -16.17 28.03
N SER A 276 -15.45 -16.58 26.77
CA SER A 276 -14.85 -15.79 25.72
C SER A 276 -15.82 -14.74 25.20
N ALA A 277 -15.30 -13.74 24.52
CA ALA A 277 -16.17 -12.68 23.99
C ALA A 277 -17.10 -13.30 22.93
N LYS A 278 -16.52 -14.15 22.10
CA LYS A 278 -17.23 -14.86 21.05
C LYS A 278 -18.49 -15.55 21.58
N ALA A 279 -18.32 -16.35 22.63
CA ALA A 279 -19.41 -17.02 23.31
C ALA A 279 -20.40 -16.10 23.99
N ALA A 280 -19.91 -15.07 24.67
CA ALA A 280 -20.81 -14.18 25.42
C ALA A 280 -21.86 -13.51 24.51
N LEU A 281 -21.47 -13.33 23.25
CA LEU A 281 -22.34 -12.68 22.29
C LEU A 281 -23.48 -13.61 21.87
N ALA A 282 -23.26 -14.91 22.05
CA ALA A 282 -24.35 -15.90 22.00
C ALA A 282 -25.28 -15.92 23.21
N HIS A 283 -25.00 -15.16 24.25
CA HIS A 283 -25.83 -15.24 25.44
C HIS A 283 -27.28 -14.72 25.29
N PRO A 284 -28.24 -15.46 25.84
CA PRO A 284 -29.63 -15.02 25.80
C PRO A 284 -29.88 -13.68 26.46
N PHE A 285 -28.95 -13.19 27.29
CA PHE A 285 -29.09 -11.83 27.79
C PHE A 285 -29.32 -10.90 26.59
N PHE A 286 -28.74 -11.22 25.44
CA PHE A 286 -28.72 -10.27 24.33
C PHE A 286 -29.92 -10.41 23.39
N GLN A 287 -30.94 -11.16 23.79
CA GLN A 287 -32.04 -11.49 22.86
C GLN A 287 -32.85 -10.24 22.48
N ASP A 288 -33.12 -9.38 23.45
CA ASP A 288 -33.89 -8.15 23.18
C ASP A 288 -33.01 -6.89 23.14
N VAL A 289 -31.75 -7.04 22.75
CA VAL A 289 -30.84 -5.88 22.63
C VAL A 289 -31.30 -4.93 21.54
N THR A 290 -31.35 -3.64 21.87
CA THR A 290 -31.55 -2.59 20.88
C THR A 290 -30.40 -1.55 20.89
N LYS A 291 -30.61 -0.43 20.19
CA LYS A 291 -29.61 0.64 20.08
C LYS A 291 -30.18 1.98 20.50
N PRO A 292 -30.40 2.15 21.81
CA PRO A 292 -30.78 3.41 22.42
C PRO A 292 -29.66 4.44 22.32
N VAL A 293 -30.03 5.71 22.27
CA VAL A 293 -29.08 6.79 22.38
C VAL A 293 -29.03 7.33 23.82
N PRO A 294 -27.83 7.69 24.29
CA PRO A 294 -27.70 8.26 25.63
C PRO A 294 -28.31 9.67 25.68
N HIS A 295 -28.93 10.00 26.81
CA HIS A 295 -29.15 11.40 27.13
C HIS A 295 -27.86 11.99 27.68
N LEU A 296 -27.11 12.63 26.78
CA LEU A 296 -25.79 13.14 27.08
C LEU A 296 -25.90 14.48 27.79
N VAL B 2 -7.84 -19.65 26.50
CA VAL B 2 -8.59 -20.76 25.85
C VAL B 2 -8.48 -20.72 24.32
N PRO B 3 -8.21 -21.88 23.69
CA PRO B 3 -8.35 -22.20 22.26
C PRO B 3 -9.64 -21.83 21.52
N ASP B 4 -10.39 -20.82 21.97
CA ASP B 4 -11.50 -20.29 21.17
C ASP B 4 -11.10 -19.58 19.86
N TYR B 5 -9.87 -19.10 19.81
CA TYR B 5 -9.43 -18.09 18.83
C TYR B 5 -8.24 -18.62 18.02
N HIS B 6 -7.79 -19.81 18.39
CA HIS B 6 -6.58 -20.39 17.80
C HIS B 6 -6.66 -20.63 16.30
N GLU B 7 -7.80 -21.15 15.83
CA GLU B 7 -8.08 -21.26 14.40
C GLU B 7 -8.09 -19.89 13.76
N ASP B 8 -8.83 -18.97 14.36
CA ASP B 8 -8.92 -17.60 13.84
C ASP B 8 -7.54 -16.93 13.76
N ILE B 9 -6.78 -16.96 14.85
CA ILE B 9 -5.42 -16.40 14.86
C ILE B 9 -4.50 -17.08 13.86
N HIS B 10 -4.48 -18.43 13.84
CA HIS B 10 -3.68 -19.12 12.85
C HIS B 10 -4.01 -18.63 11.44
N THR B 11 -5.29 -18.62 11.09
CA THR B 11 -5.69 -18.21 9.75
C THR B 11 -5.22 -16.78 9.48
N TYR B 12 -5.43 -15.89 10.44
CA TYR B 12 -5.00 -14.51 10.27
C TYR B 12 -3.48 -14.42 10.18
N LEU B 13 -2.73 -15.18 10.99
CA LEU B 13 -1.27 -15.12 10.81
C LEU B 13 -0.83 -15.60 9.41
N ARG B 14 -1.60 -16.51 8.83
CA ARG B 14 -1.26 -17.04 7.51
C ARG B 14 -1.54 -15.96 6.47
N GLU B 15 -2.58 -15.17 6.68
CA GLU B 15 -2.80 -13.99 5.83
C GLU B 15 -1.69 -12.94 5.97
N MET B 16 -1.35 -12.57 7.20
CA MET B 16 -0.39 -11.50 7.43
C MET B 16 1.03 -11.85 6.97
N GLU B 17 1.46 -13.10 7.10
CA GLU B 17 2.82 -13.45 6.74
C GLU B 17 3.03 -13.20 5.26
N VAL B 18 1.99 -13.32 4.45
CA VAL B 18 2.18 -13.06 3.04
C VAL B 18 2.39 -11.58 2.81
N LYS B 19 1.67 -10.77 3.58
CA LYS B 19 1.76 -9.31 3.48
C LYS B 19 3.05 -8.74 4.06
N CYS B 20 3.62 -9.42 5.05
CA CYS B 20 4.84 -8.97 5.73
C CYS B 20 6.11 -9.63 5.17
N LYS B 21 5.96 -10.30 4.04
CA LYS B 21 7.05 -10.95 3.33
C LYS B 21 8.01 -9.93 2.72
N PRO B 22 9.32 -10.09 2.97
CA PRO B 22 10.43 -9.42 2.29
C PRO B 22 10.57 -9.85 0.83
N LYS B 23 11.11 -8.98 -0.02
CA LYS B 23 11.56 -9.37 -1.37
C LYS B 23 12.64 -10.45 -1.40
N VAL B 24 12.38 -11.54 -2.11
CA VAL B 24 13.29 -12.69 -2.05
C VAL B 24 14.64 -12.38 -2.71
N GLY B 25 14.62 -11.57 -3.78
CA GLY B 25 15.85 -11.36 -4.54
C GLY B 25 16.55 -10.05 -4.23
N TYR B 26 16.41 -9.55 -3.01
CA TYR B 26 16.79 -8.18 -2.73
C TYR B 26 18.31 -8.03 -2.58
N MET B 27 19.01 -9.02 -2.03
CA MET B 27 20.43 -8.81 -1.71
C MET B 27 21.28 -8.61 -2.98
N LYS B 28 20.79 -9.15 -4.09
CA LYS B 28 21.40 -8.94 -5.38
C LYS B 28 21.17 -7.55 -5.97
N LYS B 29 20.14 -6.85 -5.53
CA LYS B 29 20.05 -5.43 -5.87
C LYS B 29 20.75 -4.44 -4.93
N GLN B 30 21.31 -4.92 -3.82
CA GLN B 30 22.17 -4.09 -2.98
C GLN B 30 23.58 -4.06 -3.56
N PRO B 31 24.06 -2.87 -3.95
CA PRO B 31 25.37 -2.78 -4.58
C PRO B 31 26.48 -2.94 -3.55
N ASP B 32 26.18 -2.67 -2.29
CA ASP B 32 27.28 -2.66 -1.31
C ASP B 32 27.25 -3.73 -0.26
N ILE B 33 26.11 -4.35 -0.02
CA ILE B 33 26.10 -5.32 1.08
C ILE B 33 25.79 -6.70 0.51
N THR B 34 26.06 -7.73 1.31
CA THR B 34 25.99 -9.12 0.85
C THR B 34 25.32 -10.01 1.90
N ASN B 35 24.93 -11.23 1.49
CA ASN B 35 24.27 -12.20 2.36
C ASN B 35 25.20 -12.46 3.55
N SER B 36 26.49 -12.49 3.24
CA SER B 36 27.50 -12.75 4.26
C SER B 36 27.64 -11.67 5.33
N MET B 37 27.50 -10.39 4.95
CA MET B 37 27.44 -9.31 5.93
C MET B 37 26.14 -9.40 6.72
N ARG B 38 25.02 -9.59 6.03
CA ARG B 38 23.73 -9.79 6.74
C ARG B 38 23.82 -10.87 7.79
N ALA B 39 24.52 -11.94 7.43
CA ALA B 39 24.71 -13.08 8.29
C ALA B 39 25.48 -12.66 9.54
N ILE B 40 26.53 -11.86 9.34
CA ILE B 40 27.25 -11.30 10.49
C ILE B 40 26.39 -10.41 11.36
N LEU B 41 25.60 -9.53 10.75
CA LEU B 41 24.69 -8.65 11.50
C LEU B 41 23.70 -9.46 12.34
N VAL B 42 23.10 -10.48 11.76
CA VAL B 42 22.12 -11.26 12.50
C VAL B 42 22.75 -11.99 13.71
N ASP B 43 23.95 -12.52 13.47
CA ASP B 43 24.66 -13.31 14.47
C ASP B 43 25.00 -12.40 15.62
N TRP B 44 25.44 -11.18 15.31
CA TRP B 44 25.63 -10.12 16.33
C TRP B 44 24.34 -9.77 17.11
N LEU B 45 23.21 -9.67 16.41
CA LEU B 45 21.94 -9.42 17.11
C LEU B 45 21.52 -10.53 18.09
N VAL B 46 21.85 -11.77 17.77
CA VAL B 46 21.64 -12.87 18.72
C VAL B 46 22.38 -12.61 20.02
N GLU B 47 23.65 -12.22 19.93
CA GLU B 47 24.46 -11.93 21.11
C GLU B 47 23.94 -10.74 21.88
N VAL B 48 23.46 -9.72 21.17
CA VAL B 48 22.90 -8.55 21.84
C VAL B 48 21.71 -9.00 22.67
N GLY B 49 20.85 -9.83 22.09
CA GLY B 49 19.71 -10.39 22.81
C GLY B 49 20.06 -11.26 24.00
N GLU B 50 21.09 -12.09 23.88
CA GLU B 50 21.66 -12.74 25.07
C GLU B 50 22.13 -11.74 26.09
N GLU B 51 22.96 -10.81 25.64
CA GLU B 51 23.50 -9.79 26.53
C GLU B 51 22.42 -9.09 27.35
N TYR B 52 21.31 -8.76 26.70
CA TYR B 52 20.31 -7.94 27.39
C TYR B 52 19.14 -8.79 27.84
N LYS B 53 19.27 -10.12 27.73
CA LYS B 53 18.18 -11.02 28.08
C LYS B 53 16.86 -10.64 27.39
N LEU B 54 16.91 -10.36 26.09
CA LEU B 54 15.75 -10.03 25.28
C LEU B 54 15.04 -11.33 24.91
N GLN B 55 13.73 -11.30 24.73
CA GLN B 55 13.01 -12.48 24.30
C GLN B 55 13.45 -12.87 22.90
N ASN B 56 13.23 -14.15 22.58
CA ASN B 56 13.51 -14.64 21.24
C ASN B 56 12.61 -13.99 20.20
N GLU B 57 11.34 -13.73 20.52
CA GLU B 57 10.44 -13.07 19.56
C GLU B 57 11.06 -11.74 19.11
N THR B 58 11.76 -11.05 20.01
CA THR B 58 12.34 -9.75 19.71
C THR B 58 13.38 -9.83 18.60
N LEU B 59 14.17 -10.89 18.61
CA LEU B 59 15.15 -11.11 17.54
C LEU B 59 14.51 -11.45 16.18
N HIS B 60 13.49 -12.30 16.19
CA HIS B 60 12.86 -12.64 14.94
C HIS B 60 12.23 -11.36 14.40
N LEU B 61 11.60 -10.59 15.27
CA LEU B 61 10.98 -9.35 14.77
C LEU B 61 12.03 -8.42 14.16
N ALA B 62 13.14 -8.18 14.88
CA ALA B 62 14.21 -7.34 14.33
C ALA B 62 14.69 -7.79 12.95
N VAL B 63 14.88 -9.10 12.77
CA VAL B 63 15.35 -9.58 11.46
C VAL B 63 14.28 -9.36 10.37
N ASN B 64 13.01 -9.54 10.69
CA ASN B 64 11.95 -9.20 9.70
C ASN B 64 11.96 -7.70 9.34
N TYR B 65 12.13 -6.83 10.32
CA TYR B 65 12.19 -5.41 10.01
C TYR B 65 13.36 -5.08 9.08
N ILE B 66 14.51 -5.71 9.33
CA ILE B 66 15.72 -5.43 8.58
C ILE B 66 15.58 -5.84 7.11
N ASP B 67 15.07 -7.05 6.88
CA ASP B 67 14.91 -7.61 5.52
C ASP B 67 13.85 -6.83 4.71
N ARG B 68 12.77 -6.43 5.37
CA ARG B 68 11.78 -5.56 4.73
C ARG B 68 12.38 -4.20 4.41
N PHE B 69 13.18 -3.65 5.33
CA PHE B 69 13.91 -2.37 5.10
C PHE B 69 14.85 -2.50 3.91
N LEU B 70 15.73 -3.50 3.92
CA LEU B 70 16.69 -3.70 2.85
C LEU B 70 16.08 -4.11 1.53
N SER B 71 14.81 -4.50 1.58
CA SER B 71 14.06 -4.81 0.38
C SER B 71 13.80 -3.59 -0.47
N SER B 72 13.61 -2.42 0.14
CA SER B 72 13.44 -1.20 -0.66
C SER B 72 14.49 -0.10 -0.49
N MET B 73 15.37 -0.20 0.50
CA MET B 73 16.33 0.90 0.71
C MET B 73 17.77 0.41 0.48
N SER B 74 18.54 1.03 -0.42
CA SER B 74 19.96 0.68 -0.51
C SER B 74 20.74 1.20 0.71
N VAL B 75 21.72 0.43 1.16
CA VAL B 75 22.46 0.75 2.39
C VAL B 75 23.93 0.40 2.18
N LEU B 76 24.82 1.33 2.55
CA LEU B 76 26.28 1.13 2.48
C LEU B 76 26.69 0.23 3.64
N ARG B 77 27.76 -0.54 3.49
CA ARG B 77 28.17 -1.44 4.55
C ARG B 77 28.36 -0.77 5.90
N GLY B 78 28.78 0.48 5.88
CA GLY B 78 29.05 1.24 7.12
C GLY B 78 27.78 1.67 7.85
N LYS B 79 26.64 1.57 7.17
CA LYS B 79 25.37 1.92 7.81
C LYS B 79 24.52 0.69 8.12
N LEU B 80 24.98 -0.48 7.69
CA LEU B 80 24.18 -1.68 7.95
C LEU B 80 23.97 -1.95 9.43
N GLN B 81 25.01 -1.80 10.24
CA GLN B 81 24.82 -2.08 11.66
C GLN B 81 23.87 -1.06 12.30
N LEU B 82 23.74 0.12 11.69
CA LEU B 82 22.84 1.17 12.23
C LEU B 82 21.40 0.77 11.92
N VAL B 83 21.17 0.23 10.72
CA VAL B 83 19.84 -0.33 10.40
C VAL B 83 19.52 -1.44 11.43
N GLY B 84 20.50 -2.30 11.69
CA GLY B 84 20.28 -3.41 12.62
C GLY B 84 19.97 -2.95 14.02
N THR B 85 20.71 -1.94 14.50
CA THR B 85 20.47 -1.42 15.84
C THR B 85 19.11 -0.75 16.03
N ALA B 86 18.67 0.05 15.07
CA ALA B 86 17.34 0.67 15.11
C ALA B 86 16.22 -0.39 15.02
N ALA B 87 16.41 -1.41 14.19
CA ALA B 87 15.44 -2.52 14.17
C ALA B 87 15.32 -3.24 15.52
N MET B 88 16.44 -3.57 16.13
CA MET B 88 16.40 -4.20 17.44
C MET B 88 15.75 -3.30 18.50
N LEU B 89 16.04 -1.99 18.45
CA LEU B 89 15.37 -1.06 19.35
C LEU B 89 13.86 -1.08 19.13
N LEU B 90 13.45 -0.94 17.88
CA LEU B 90 12.03 -0.97 17.60
C LEU B 90 11.39 -2.27 18.06
N ALA B 91 12.04 -3.41 17.78
CA ALA B 91 11.44 -4.68 18.15
C ALA B 91 11.33 -4.77 19.67
N SER B 92 12.30 -4.21 20.38
CA SER B 92 12.30 -4.27 21.84
C SER B 92 11.14 -3.45 22.38
N LYS B 93 10.95 -2.27 21.82
CA LYS B 93 9.81 -1.43 22.20
C LYS B 93 8.51 -2.12 21.87
N PHE B 94 8.45 -2.85 20.76
CA PHE B 94 7.19 -3.50 20.41
C PHE B 94 6.89 -4.64 21.37
N GLU B 95 7.91 -5.41 21.69
CA GLU B 95 7.74 -6.75 22.24
C GLU B 95 8.16 -6.88 23.70
N GLU B 96 9.13 -6.09 24.17
CA GLU B 96 9.62 -6.22 25.54
C GLU B 96 8.76 -5.46 26.52
N ILE B 97 8.79 -5.92 27.76
CA ILE B 97 8.15 -5.24 28.86
C ILE B 97 8.77 -3.89 29.18
N TYR B 98 10.03 -3.88 29.60
CA TYR B 98 10.88 -2.70 29.38
C TYR B 98 12.10 -2.98 28.53
N PRO B 99 12.14 -2.39 27.35
CA PRO B 99 13.22 -2.43 26.38
C PRO B 99 14.46 -1.77 26.97
N PRO B 100 15.67 -2.15 26.52
CA PRO B 100 16.83 -1.37 26.96
C PRO B 100 16.64 0.10 26.56
N GLU B 101 17.21 1.04 27.31
CA GLU B 101 17.34 2.44 26.87
C GLU B 101 18.12 2.63 25.55
N VAL B 102 17.88 3.74 24.86
CA VAL B 102 18.61 3.98 23.61
C VAL B 102 20.12 4.06 23.86
N ALA B 103 20.52 4.69 24.96
CA ALA B 103 21.93 4.79 25.35
C ALA B 103 22.57 3.41 25.35
N GLU B 104 21.83 2.42 25.85
CA GLU B 104 22.32 1.04 25.89
C GLU B 104 22.54 0.51 24.47
N PHE B 105 21.68 0.89 23.54
CA PHE B 105 21.85 0.48 22.18
C PHE B 105 23.06 1.14 21.54
N VAL B 106 23.34 2.37 21.94
CA VAL B 106 24.57 3.03 21.47
C VAL B 106 25.79 2.35 22.08
N TYR B 107 25.71 2.06 23.38
CA TYR B 107 26.78 1.34 24.06
C TYR B 107 27.16 0.03 23.37
N ILE B 108 26.17 -0.69 22.85
CA ILE B 108 26.40 -2.01 22.24
C ILE B 108 27.05 -1.99 20.87
N THR B 109 27.05 -0.86 20.19
CA THR B 109 27.86 -0.75 18.99
C THR B 109 29.21 -0.16 19.36
N ASP B 110 29.47 0.03 20.66
CA ASP B 110 30.75 0.59 21.08
C ASP B 110 30.85 2.04 20.62
N ASP B 111 29.73 2.75 20.67
CA ASP B 111 29.66 4.15 20.27
C ASP B 111 30.00 4.38 18.80
N THR B 112 29.70 3.45 17.90
CA THR B 112 30.01 3.71 16.50
C THR B 112 28.97 4.61 15.82
N TYR B 113 27.82 4.80 16.48
CA TYR B 113 26.84 5.77 16.03
C TYR B 113 26.42 6.53 17.26
N THR B 114 25.87 7.71 17.04
CA THR B 114 25.33 8.48 18.16
C THR B 114 23.88 8.14 18.43
N LYS B 115 23.43 8.52 19.61
CA LYS B 115 22.07 8.31 20.02
C LYS B 115 21.14 9.00 19.02
N LYS B 116 21.51 10.19 18.54
CA LYS B 116 20.71 10.86 17.52
C LYS B 116 20.62 10.05 16.24
N GLN B 117 21.70 9.43 15.82
CA GLN B 117 21.72 8.72 14.55
C GLN B 117 20.77 7.53 14.64
N VAL B 118 20.81 6.88 15.80
CA VAL B 118 20.02 5.68 16.03
C VAL B 118 18.55 6.10 16.03
N LEU B 119 18.25 7.19 16.73
CA LEU B 119 16.91 7.75 16.78
C LEU B 119 16.36 8.18 15.43
N ARG B 120 17.16 8.82 14.59
CA ARG B 120 16.70 9.21 13.26
C ARG B 120 16.48 7.98 12.40
N MET B 121 17.31 6.97 12.64
CA MET B 121 17.20 5.74 11.85
C MET B 121 15.95 4.99 12.24
N GLU B 122 15.62 5.01 13.53
CA GLU B 122 14.36 4.48 14.01
C GLU B 122 13.13 5.04 13.27
N HIS B 123 13.12 6.35 13.13
CA HIS B 123 12.06 7.08 12.44
C HIS B 123 12.03 6.68 10.98
N LEU B 124 13.20 6.55 10.36
CA LEU B 124 13.26 6.10 8.96
C LEU B 124 12.75 4.66 8.80
N VAL B 125 13.18 3.79 9.69
CA VAL B 125 12.67 2.41 9.63
C VAL B 125 11.13 2.39 9.78
N LEU B 126 10.61 3.14 10.76
CA LEU B 126 9.17 3.26 10.90
C LEU B 126 8.48 3.72 9.61
N LYS B 127 8.97 4.78 9.01
CA LYS B 127 8.40 5.31 7.78
C LYS B 127 8.39 4.28 6.65
N VAL B 128 9.52 3.61 6.45
CA VAL B 128 9.65 2.61 5.39
C VAL B 128 8.77 1.38 5.64
N LEU B 129 8.68 0.95 6.89
CA LEU B 129 7.80 -0.16 7.22
C LEU B 129 6.34 0.28 7.34
N THR B 130 6.09 1.58 7.19
CA THR B 130 4.79 2.19 7.42
C THR B 130 4.16 1.73 8.73
N PHE B 131 4.96 1.80 9.79
CA PHE B 131 4.54 1.47 11.14
C PHE B 131 3.91 0.10 11.27
N ASP B 132 4.10 -0.79 10.30
CA ASP B 132 3.54 -2.14 10.38
C ASP B 132 4.52 -3.13 11.00
N LEU B 133 4.41 -3.34 12.32
CA LEU B 133 5.49 -3.94 13.10
C LEU B 133 5.04 -5.27 13.67
N ALA B 134 3.75 -5.58 13.56
CA ALA B 134 3.20 -6.80 14.12
C ALA B 134 3.30 -7.94 13.12
N ALA B 135 4.55 -8.26 12.77
CA ALA B 135 4.89 -9.23 11.76
C ALA B 135 4.89 -10.65 12.31
N PRO B 136 4.24 -11.58 11.60
CA PRO B 136 4.28 -12.99 12.05
C PRO B 136 5.71 -13.52 11.90
N THR B 137 6.18 -14.33 12.84
CA THR B 137 7.54 -14.86 12.72
C THR B 137 7.49 -16.40 12.77
N VAL B 138 8.61 -17.05 12.47
CA VAL B 138 8.81 -18.49 12.71
C VAL B 138 8.51 -18.88 14.15
N ASN B 139 8.98 -18.06 15.08
CA ASN B 139 8.80 -18.26 16.51
C ASN B 139 7.30 -18.28 16.91
N GLN B 140 6.49 -17.46 16.25
CA GLN B 140 5.05 -17.47 16.52
C GLN B 140 4.38 -18.73 15.95
N PHE B 141 4.71 -19.08 14.72
CA PHE B 141 4.14 -20.33 14.17
C PHE B 141 4.61 -21.56 14.91
N LEU B 142 5.86 -21.60 15.33
CA LEU B 142 6.29 -22.64 16.25
C LEU B 142 5.45 -22.75 17.51
N THR B 143 5.33 -21.65 18.26
CA THR B 143 4.50 -21.65 19.47
C THR B 143 3.10 -22.24 19.26
N GLN B 144 2.42 -21.87 18.18
CA GLN B 144 1.11 -22.45 17.85
C GLN B 144 1.25 -23.94 17.58
N TYR B 145 2.25 -24.32 16.78
CA TYR B 145 2.44 -25.69 16.35
C TYR B 145 2.65 -26.55 17.57
N PHE B 146 3.37 -26.03 18.57
CA PHE B 146 3.70 -26.81 19.75
C PHE B 146 2.44 -27.27 20.50
N LEU B 147 1.32 -26.58 20.30
CA LEU B 147 0.09 -26.97 20.97
C LEU B 147 -0.33 -28.38 20.54
N HIS B 148 0.19 -28.82 19.38
CA HIS B 148 -0.19 -30.10 18.79
C HIS B 148 0.72 -31.28 19.12
N GLN B 149 1.64 -31.14 20.06
CA GLN B 149 2.45 -32.27 20.54
C GLN B 149 1.64 -33.27 21.38
N GLN B 150 1.95 -34.55 21.21
CA GLN B 150 1.38 -35.62 22.05
C GLN B 150 2.48 -36.60 22.42
N PRO B 151 3.04 -36.46 23.63
CA PRO B 151 2.81 -35.35 24.55
C PRO B 151 3.87 -34.27 24.33
N ALA B 152 3.72 -33.13 25.00
CA ALA B 152 4.72 -32.06 24.90
C ALA B 152 6.11 -32.55 25.32
N ASN B 153 7.13 -32.20 24.52
CA ASN B 153 8.49 -32.66 24.77
C ASN B 153 9.32 -31.41 24.69
N CYS B 154 9.97 -31.05 25.78
CA CYS B 154 10.66 -29.77 25.82
C CYS B 154 12.05 -29.77 25.16
N LYS B 155 12.62 -30.94 24.89
CA LYS B 155 13.77 -30.98 23.99
C LYS B 155 13.29 -30.72 22.57
N VAL B 156 12.09 -31.22 22.24
CA VAL B 156 11.62 -31.01 20.88
C VAL B 156 11.41 -29.51 20.72
N GLU B 157 10.90 -28.86 21.77
CA GLU B 157 10.59 -27.44 21.68
C GLU B 157 11.89 -26.65 21.53
N SER B 158 12.89 -26.94 22.37
CA SER B 158 14.13 -26.18 22.32
C SER B 158 14.82 -26.34 20.96
N LEU B 159 14.72 -27.54 20.42
CA LEU B 159 15.54 -27.90 19.28
C LEU B 159 14.91 -27.22 18.09
N ALA B 160 13.58 -27.20 18.01
CA ALA B 160 12.91 -26.54 16.87
C ALA B 160 13.15 -25.00 16.86
N MET B 161 13.26 -24.41 18.06
CA MET B 161 13.60 -23.00 18.19
C MET B 161 15.02 -22.77 17.68
N PHE B 162 15.94 -23.58 18.15
CA PHE B 162 17.29 -23.56 17.60
C PHE B 162 17.27 -23.49 16.07
N LEU B 163 16.61 -24.45 15.47
CA LEU B 163 16.65 -24.62 14.02
C LEU B 163 16.00 -23.41 13.38
N GLY B 164 14.94 -22.91 14.01
CA GLY B 164 14.22 -21.79 13.43
C GLY B 164 15.13 -20.57 13.51
N GLU B 165 15.93 -20.46 14.56
CA GLU B 165 16.90 -19.35 14.63
C GLU B 165 18.05 -19.47 13.64
N LEU B 166 18.58 -20.67 13.47
CA LEU B 166 19.55 -20.90 12.41
C LEU B 166 19.12 -20.32 11.08
N SER B 167 17.83 -20.42 10.75
CA SER B 167 17.34 -19.95 9.45
C SER B 167 17.38 -18.41 9.28
N LEU B 168 17.35 -17.67 10.37
CA LEU B 168 17.46 -16.21 10.33
C LEU B 168 18.82 -15.76 9.75
N ILE B 169 19.83 -16.61 9.87
CA ILE B 169 21.21 -16.25 9.55
C ILE B 169 21.45 -16.24 8.05
N ASP B 170 20.81 -17.16 7.34
CA ASP B 170 21.17 -17.37 5.94
C ASP B 170 20.01 -16.95 5.04
N ALA B 171 20.07 -15.70 4.59
CA ALA B 171 19.13 -15.21 3.57
C ALA B 171 18.94 -16.17 2.39
N ASP B 172 20.05 -16.64 1.83
CA ASP B 172 20.00 -17.79 0.93
C ASP B 172 20.25 -19.07 1.71
N PRO B 173 19.25 -19.97 1.75
CA PRO B 173 18.03 -20.01 0.97
C PRO B 173 16.77 -19.45 1.63
N TYR B 174 16.86 -19.04 2.90
CA TYR B 174 15.66 -18.97 3.73
C TYR B 174 14.60 -17.92 3.41
N LEU B 175 14.97 -16.88 2.67
CA LEU B 175 14.03 -15.85 2.25
C LEU B 175 13.04 -16.37 1.19
N LYS B 176 13.31 -17.56 0.65
CA LYS B 176 12.36 -18.23 -0.23
C LYS B 176 11.10 -18.73 0.47
N TYR B 177 11.15 -18.95 1.79
CA TYR B 177 10.08 -19.65 2.50
C TYR B 177 9.35 -18.70 3.42
N LEU B 178 8.04 -18.84 3.50
CA LEU B 178 7.28 -18.17 4.55
C LEU B 178 7.65 -18.75 5.92
N PRO B 179 7.48 -17.95 6.99
CA PRO B 179 7.73 -18.42 8.37
C PRO B 179 6.95 -19.67 8.71
N SER B 180 5.73 -19.79 8.19
CA SER B 180 4.88 -20.94 8.53
C SER B 180 5.46 -22.24 7.97
N VAL B 181 6.13 -22.13 6.82
CA VAL B 181 6.79 -23.27 6.20
C VAL B 181 8.10 -23.63 6.90
N ILE B 182 8.95 -22.63 7.11
CA ILE B 182 10.13 -22.86 7.90
C ILE B 182 9.81 -23.41 9.28
N ALA B 183 8.81 -22.84 9.94
CA ALA B 183 8.37 -23.38 11.23
C ALA B 183 7.92 -24.83 11.08
N GLY B 184 7.27 -25.15 9.96
CA GLY B 184 6.84 -26.52 9.68
C GLY B 184 8.02 -27.47 9.59
N ALA B 185 9.02 -27.09 8.80
CA ALA B 185 10.26 -27.87 8.69
C ALA B 185 11.03 -28.02 9.99
N ALA B 186 11.25 -26.91 10.69
CA ALA B 186 11.92 -26.94 12.00
C ALA B 186 11.20 -27.88 12.96
N PHE B 187 9.87 -27.81 12.97
CA PHE B 187 9.13 -28.64 13.92
C PHE B 187 9.27 -30.14 13.59
N HIS B 188 9.06 -30.49 12.32
CA HIS B 188 9.31 -31.86 11.85
C HIS B 188 10.72 -32.33 12.13
N LEU B 189 11.70 -31.54 11.70
CA LEU B 189 13.08 -31.92 11.93
C LEU B 189 13.44 -32.09 13.39
N ALA B 190 12.94 -31.20 14.26
CA ALA B 190 13.19 -31.35 15.71
C ALA B 190 12.49 -32.57 16.32
N LEU B 191 11.25 -32.79 15.92
CA LEU B 191 10.53 -34.01 16.30
C LEU B 191 11.27 -35.30 15.85
N TYR B 192 11.65 -35.31 14.59
CA TYR B 192 12.30 -36.46 14.02
C TYR B 192 13.62 -36.65 14.78
N THR B 193 14.37 -35.57 14.92
CA THR B 193 15.66 -35.70 15.59
C THR B 193 15.57 -36.33 16.97
N VAL B 194 14.64 -35.84 17.79
CA VAL B 194 14.50 -36.23 19.18
C VAL B 194 13.88 -37.63 19.41
N THR B 195 12.89 -37.99 18.61
CA THR B 195 12.00 -39.10 18.94
C THR B 195 11.84 -40.09 17.78
N GLY B 196 12.22 -39.70 16.58
CA GLY B 196 11.85 -40.41 15.37
C GLY B 196 10.45 -40.18 14.81
N GLN B 197 9.62 -39.41 15.53
CA GLN B 197 8.29 -39.06 15.06
C GLN B 197 8.29 -37.98 13.97
N SER B 198 7.10 -37.63 13.50
CA SER B 198 6.95 -36.94 12.20
C SER B 198 5.83 -35.88 12.24
N TRP B 199 5.92 -34.88 11.36
CA TRP B 199 4.92 -33.83 11.21
C TRP B 199 3.49 -34.39 11.36
N PRO B 200 2.84 -34.14 12.50
CA PRO B 200 1.60 -34.83 12.91
C PRO B 200 0.40 -34.46 12.05
N GLU B 201 -0.60 -35.34 12.02
CA GLU B 201 -1.75 -35.16 11.12
C GLU B 201 -2.70 -34.04 11.55
N SER B 202 -2.85 -33.79 12.85
CA SER B 202 -3.42 -32.52 13.34
C SER B 202 -2.97 -31.29 12.53
N LEU B 203 -1.66 -31.21 12.25
CA LEU B 203 -1.09 -30.02 11.62
C LEU B 203 -1.21 -30.08 10.12
N ILE B 204 -1.15 -31.29 9.56
CA ILE B 204 -1.39 -31.44 8.13
C ILE B 204 -2.76 -30.90 7.77
N ARG B 205 -3.76 -31.22 8.58
CA ARG B 205 -5.11 -30.70 8.37
C ARG B 205 -5.23 -29.19 8.62
N LYS B 206 -4.72 -28.74 9.76
CA LYS B 206 -4.79 -27.34 10.17
C LYS B 206 -4.07 -26.47 9.15
N THR B 207 -2.83 -26.83 8.85
CA THR B 207 -2.00 -25.94 8.02
C THR B 207 -2.25 -26.17 6.52
N GLY B 208 -2.74 -27.37 6.20
CA GLY B 208 -2.80 -27.78 4.80
C GLY B 208 -1.45 -28.14 4.23
N TYR B 209 -0.40 -28.18 5.07
CA TYR B 209 0.93 -28.56 4.62
C TYR B 209 1.10 -30.06 4.90
N THR B 210 1.13 -30.84 3.83
CA THR B 210 1.63 -32.21 3.87
C THR B 210 3.13 -32.23 4.08
N LEU B 211 3.62 -33.35 4.60
CA LEU B 211 5.05 -33.47 4.84
C LEU B 211 5.82 -33.37 3.53
N GLU B 212 5.22 -33.89 2.46
CA GLU B 212 5.80 -33.75 1.13
C GLU B 212 6.04 -32.31 0.68
N SER B 213 5.02 -31.45 0.79
CA SER B 213 5.15 -30.01 0.53
C SER B 213 6.24 -29.28 1.35
N LEU B 214 6.57 -29.80 2.53
CA LEU B 214 7.60 -29.23 3.36
C LEU B 214 8.99 -29.59 2.86
N LYS B 215 9.04 -30.49 1.88
CA LYS B 215 10.27 -31.20 1.56
C LYS B 215 11.46 -30.31 1.19
N PRO B 216 11.28 -29.41 0.22
CA PRO B 216 12.31 -28.47 -0.16
C PRO B 216 12.86 -27.71 1.05
N CYS B 217 11.98 -27.07 1.86
CA CYS B 217 12.48 -26.37 3.04
C CYS B 217 13.23 -27.30 3.98
N LEU B 218 12.68 -28.49 4.20
CA LEU B 218 13.31 -29.51 5.07
C LEU B 218 14.71 -29.90 4.61
N MET B 219 14.85 -30.12 3.30
CA MET B 219 16.15 -30.46 2.74
C MET B 219 17.20 -29.40 3.07
N ASP B 220 16.80 -28.14 2.91
CA ASP B 220 17.70 -27.02 3.20
C ASP B 220 18.02 -26.98 4.68
N LEU B 221 16.97 -27.02 5.51
CA LEU B 221 17.15 -26.99 6.96
C LEU B 221 17.98 -28.13 7.53
N HIS B 222 17.77 -29.34 7.02
CA HIS B 222 18.68 -30.46 7.35
C HIS B 222 20.13 -30.17 6.99
N GLN B 223 20.38 -29.75 5.77
CA GLN B 223 21.74 -29.34 5.43
C GLN B 223 22.30 -28.25 6.36
N THR B 224 21.53 -27.20 6.63
CA THR B 224 21.96 -26.20 7.61
C THR B 224 22.28 -26.83 8.94
N TYR B 225 21.39 -27.69 9.43
CA TYR B 225 21.59 -28.33 10.72
C TYR B 225 22.91 -29.13 10.73
N LEU B 226 23.16 -29.88 9.65
CA LEU B 226 24.33 -30.74 9.54
C LEU B 226 25.62 -29.95 9.60
N LYS B 227 25.61 -28.76 9.01
CA LYS B 227 26.84 -27.97 8.77
C LYS B 227 27.03 -26.90 9.82
N ALA B 228 26.06 -26.77 10.72
CA ALA B 228 26.07 -25.69 11.69
C ALA B 228 27.37 -25.61 12.49
N PRO B 229 27.94 -26.75 12.87
CA PRO B 229 29.16 -26.63 13.67
C PRO B 229 30.35 -26.07 12.89
N GLN B 230 30.23 -25.96 11.56
CA GLN B 230 31.30 -25.47 10.68
C GLN B 230 31.07 -24.03 10.24
N HIS B 231 29.83 -23.56 10.39
CA HIS B 231 29.39 -22.26 9.87
C HIS B 231 30.21 -21.14 10.48
N ALA B 232 30.48 -20.13 9.66
CA ALA B 232 31.18 -18.93 10.10
C ALA B 232 30.61 -18.33 11.39
N GLN B 233 29.29 -18.40 11.54
CA GLN B 233 28.66 -17.66 12.62
C GLN B 233 28.17 -18.68 13.60
N GLN B 234 28.45 -18.49 14.87
CA GLN B 234 28.35 -19.57 15.87
C GLN B 234 27.52 -19.12 17.06
N SER B 235 26.93 -17.94 16.97
CA SER B 235 26.29 -17.35 18.14
C SER B 235 25.10 -18.15 18.65
N ILE B 236 24.35 -18.72 17.71
CA ILE B 236 23.12 -19.39 18.05
C ILE B 236 23.46 -20.74 18.68
N ARG B 237 24.39 -21.49 18.09
CA ARG B 237 24.96 -22.69 18.75
C ARG B 237 25.41 -22.45 20.19
N GLU B 238 26.22 -21.44 20.40
CA GLU B 238 26.70 -21.15 21.75
C GLU B 238 25.53 -20.82 22.66
N LYS B 239 24.51 -20.16 22.12
CA LYS B 239 23.33 -19.84 22.93
C LYS B 239 22.58 -21.10 23.34
N TYR B 240 22.45 -22.05 22.43
CA TYR B 240 21.57 -23.18 22.68
C TYR B 240 22.34 -24.37 23.30
N LYS B 241 23.58 -24.15 23.71
CA LYS B 241 24.27 -25.04 24.65
C LYS B 241 23.80 -24.88 26.08
N ASN B 242 23.23 -23.73 26.43
CA ASN B 242 22.73 -23.47 27.77
C ASN B 242 21.73 -24.53 28.21
N SER B 243 21.78 -24.89 29.49
CA SER B 243 20.81 -25.80 30.09
C SER B 243 19.39 -25.27 29.96
N LYS B 244 19.25 -23.95 29.87
CA LYS B 244 17.95 -23.36 29.58
C LYS B 244 17.31 -24.10 28.43
N TYR B 245 18.14 -24.61 27.53
CA TYR B 245 17.70 -25.09 26.21
C TYR B 245 17.97 -26.58 26.08
N HIS B 246 18.15 -27.22 27.22
CA HIS B 246 18.50 -28.63 27.27
C HIS B 246 19.73 -29.02 26.43
N GLY B 247 20.63 -28.05 26.20
CA GLY B 247 21.79 -28.22 25.29
C GLY B 247 21.50 -28.85 23.93
N VAL B 248 20.25 -28.75 23.49
CA VAL B 248 19.86 -29.38 22.25
C VAL B 248 20.89 -29.21 21.15
N SER B 249 21.64 -28.10 21.11
CA SER B 249 22.54 -27.85 19.96
C SER B 249 23.84 -28.67 20.05
N LEU B 250 23.97 -29.40 21.16
CA LEU B 250 24.92 -30.52 21.25
C LEU B 250 24.45 -31.84 20.62
N LEU B 251 23.13 -32.10 20.67
CA LEU B 251 22.54 -33.33 20.11
C LEU B 251 23.04 -33.65 18.72
N ASN B 252 23.10 -34.94 18.37
CA ASN B 252 23.58 -35.32 17.05
C ASN B 252 22.50 -35.29 15.98
N PRO B 253 22.69 -34.47 14.93
CA PRO B 253 21.67 -34.43 13.89
C PRO B 253 21.62 -35.77 13.19
N PRO B 254 20.45 -36.11 12.63
CA PRO B 254 20.29 -37.34 11.86
C PRO B 254 20.88 -37.21 10.46
N GLU B 255 21.64 -38.21 10.02
CA GLU B 255 22.33 -38.04 8.76
C GLU B 255 21.43 -38.25 7.54
N THR B 256 20.26 -38.85 7.75
CA THR B 256 19.27 -38.98 6.68
C THR B 256 17.89 -38.67 7.27
N LEU B 257 16.95 -38.32 6.40
CA LEU B 257 15.62 -37.90 6.83
C LEU B 257 14.50 -38.88 6.50
N ASN B 258 14.78 -39.91 5.72
CA ASN B 258 13.75 -40.94 5.54
C ASN B 258 12.58 -40.37 4.74
N LEU B 259 12.85 -39.66 3.65
CA LEU B 259 11.75 -38.98 2.97
C LEU B 259 11.37 -39.65 1.65
N MET C 1 13.09 15.23 4.44
CA MET C 1 14.19 16.01 3.79
C MET C 1 15.44 16.28 4.63
N GLU C 2 15.32 16.15 5.95
CA GLU C 2 16.42 16.35 6.87
C GLU C 2 17.51 15.27 6.70
N ASN C 3 17.18 14.14 6.06
CA ASN C 3 18.15 13.05 5.97
C ASN C 3 19.06 13.14 4.77
N PHE C 4 18.82 14.14 3.93
CA PHE C 4 19.59 14.30 2.72
C PHE C 4 20.56 15.43 2.83
N GLN C 5 21.75 15.19 2.31
CA GLN C 5 22.73 16.25 2.20
C GLN C 5 22.99 16.51 0.70
N LYS C 6 22.74 17.74 0.26
CA LYS C 6 23.00 18.17 -1.11
C LYS C 6 24.48 18.15 -1.43
N VAL C 7 24.82 17.58 -2.59
CA VAL C 7 26.20 17.44 -3.01
C VAL C 7 26.54 18.44 -4.12
N GLU C 8 25.83 18.37 -5.23
CA GLU C 8 26.05 19.31 -6.33
C GLU C 8 24.81 19.36 -7.22
N LYS C 9 24.59 20.50 -7.86
CA LYS C 9 23.54 20.65 -8.86
C LYS C 9 23.90 19.79 -10.06
N ILE C 10 22.94 19.02 -10.58
CA ILE C 10 23.22 18.23 -11.76
C ILE C 10 22.26 18.51 -12.90
N GLY C 11 21.43 19.54 -12.73
CA GLY C 11 20.76 20.21 -13.86
C GLY C 11 19.41 20.83 -13.57
N GLU C 12 18.74 21.27 -14.64
CA GLU C 12 17.29 21.47 -14.64
C GLU C 12 16.57 20.32 -15.34
N GLY C 13 15.35 20.02 -14.89
CA GLY C 13 14.55 18.95 -15.47
C GLY C 13 13.51 19.41 -16.49
N THR C 14 12.33 19.79 -16.00
CA THR C 14 11.30 20.38 -16.86
C THR C 14 10.81 21.75 -16.34
N TYR C 15 11.19 22.08 -15.11
CA TYR C 15 10.75 23.30 -14.43
C TYR C 15 11.79 23.65 -13.36
N GLY C 16 11.84 22.81 -12.32
CA GLY C 16 12.70 23.05 -11.16
C GLY C 16 14.09 22.45 -11.30
N VAL C 17 14.77 22.25 -10.18
CA VAL C 17 16.20 21.91 -10.15
C VAL C 17 16.50 20.48 -9.71
N VAL C 18 17.61 19.91 -10.16
CA VAL C 18 18.10 18.59 -9.75
C VAL C 18 19.51 18.58 -9.12
N TYR C 19 19.61 17.95 -7.96
CA TYR C 19 20.86 17.87 -7.17
C TYR C 19 21.25 16.42 -6.90
N LYS C 20 22.53 16.12 -6.99
CA LYS C 20 23.06 14.90 -6.38
C LYS C 20 23.03 15.10 -4.87
N ALA C 21 22.63 14.07 -4.12
CA ALA C 21 22.45 14.22 -2.68
C ALA C 21 22.75 12.84 -2.09
N ARG C 22 23.15 12.79 -0.81
CA ARG C 22 23.31 11.50 -0.14
C ARG C 22 22.32 11.40 1.01
N ASN C 23 21.82 10.19 1.23
CA ASN C 23 21.08 9.91 2.44
C ASN C 23 22.07 9.81 3.61
N LYS C 24 21.90 10.65 4.62
CA LYS C 24 22.79 10.68 5.77
C LYS C 24 22.69 9.43 6.64
N LEU C 25 21.55 8.76 6.60
CA LEU C 25 21.39 7.58 7.44
C LEU C 25 21.85 6.29 6.79
N THR C 26 21.60 6.15 5.49
CA THR C 26 21.89 4.92 4.81
C THR C 26 23.10 5.03 3.89
N GLY C 27 23.50 6.24 3.53
CA GLY C 27 24.54 6.31 2.50
C GLY C 27 24.10 6.38 1.04
N GLU C 28 22.83 6.09 0.73
CA GLU C 28 22.42 6.01 -0.66
C GLU C 28 22.64 7.38 -1.28
N VAL C 29 23.24 7.40 -2.46
CA VAL C 29 23.28 8.57 -3.35
C VAL C 29 22.03 8.65 -4.26
N VAL C 30 21.40 9.80 -4.30
CA VAL C 30 20.12 9.92 -4.96
C VAL C 30 20.23 11.16 -5.83
N ALA C 31 19.35 11.28 -6.82
CA ALA C 31 19.13 12.56 -7.50
C ALA C 31 17.86 13.20 -6.95
N LEU C 32 17.95 14.42 -6.45
CA LEU C 32 16.77 15.07 -5.89
C LEU C 32 16.24 16.12 -6.83
N LYS C 33 15.03 15.92 -7.35
CA LYS C 33 14.38 16.90 -8.22
C LYS C 33 13.43 17.73 -7.37
N LYS C 34 13.67 19.02 -7.29
CA LYS C 34 12.93 19.90 -6.39
C LYS C 34 12.00 20.81 -7.22
N ILE C 35 10.70 20.77 -6.92
CA ILE C 35 9.75 21.72 -7.50
C ILE C 35 9.31 22.74 -6.44
N ARG C 36 9.24 24.02 -6.81
CA ARG C 36 8.67 25.03 -5.93
C ARG C 36 7.15 25.13 -6.09
N LEU C 37 6.44 25.09 -4.97
CA LEU C 37 5.01 25.38 -4.97
C LEU C 37 4.72 26.56 -4.03
N ASP C 38 5.27 27.73 -4.35
CA ASP C 38 4.55 28.97 -4.11
C ASP C 38 3.04 28.71 -4.30
N THR C 39 2.28 28.87 -3.22
CA THR C 39 0.94 28.27 -3.14
C THR C 39 -0.12 29.20 -3.72
N GLU C 40 0.03 29.52 -5.01
CA GLU C 40 -0.47 30.78 -5.54
C GLU C 40 -0.53 30.74 -7.07
N THR C 41 0.40 29.99 -7.67
CA THR C 41 0.36 29.76 -9.11
C THR C 41 -0.66 28.69 -9.48
N GLU C 42 -0.18 27.61 -10.10
CA GLU C 42 -1.06 26.64 -10.74
C GLU C 42 -1.07 25.32 -9.99
N GLY C 43 -0.36 25.28 -8.86
CA GLY C 43 -0.30 24.08 -8.04
C GLY C 43 0.76 23.10 -8.53
N VAL C 44 0.57 21.80 -8.30
CA VAL C 44 1.50 20.78 -8.82
C VAL C 44 1.49 20.74 -10.35
N PRO C 45 2.66 20.95 -10.98
CA PRO C 45 2.75 20.96 -12.43
C PRO C 45 2.41 19.60 -13.00
N SER C 46 1.76 19.60 -14.17
CA SER C 46 1.46 18.38 -14.90
C SER C 46 2.65 17.48 -15.24
N THR C 47 3.83 18.05 -15.45
CA THR C 47 5.00 17.23 -15.69
C THR C 47 5.28 16.38 -14.47
N ALA C 48 5.05 16.94 -13.29
CA ALA C 48 5.23 16.16 -12.08
C ALA C 48 4.11 15.16 -11.89
N ILE C 49 2.88 15.57 -12.18
CA ILE C 49 1.74 14.68 -12.07
C ILE C 49 2.00 13.41 -12.92
N ARG C 50 2.43 13.63 -14.16
CA ARG C 50 2.63 12.54 -15.12
C ARG C 50 3.82 11.67 -14.74
N GLU C 51 4.93 12.30 -14.36
CA GLU C 51 6.17 11.56 -14.12
C GLU C 51 5.97 10.68 -12.90
N ILE C 52 5.29 11.18 -11.88
CA ILE C 52 5.20 10.44 -10.65
C ILE C 52 4.18 9.36 -10.85
N SER C 53 2.99 9.68 -11.39
CA SER C 53 2.00 8.59 -11.52
C SER C 53 2.48 7.48 -12.45
N LEU C 54 3.23 7.81 -13.50
CA LEU C 54 3.65 6.79 -14.46
C LEU C 54 4.88 6.02 -13.97
N LEU C 55 5.85 6.76 -13.44
CA LEU C 55 7.07 6.13 -12.97
C LEU C 55 6.77 5.20 -11.81
N LYS C 56 5.79 5.58 -11.00
CA LYS C 56 5.49 4.67 -9.94
C LYS C 56 4.80 3.40 -10.39
N GLU C 57 4.34 3.33 -11.64
CA GLU C 57 3.87 2.05 -12.18
C GLU C 57 4.98 1.24 -12.84
N LEU C 58 6.05 1.91 -13.24
CA LEU C 58 7.01 1.27 -14.15
C LEU C 58 8.19 0.85 -13.30
N ASN C 59 8.31 -0.45 -13.02
CA ASN C 59 9.49 -0.99 -12.35
C ASN C 59 10.28 -1.89 -13.30
N HIS C 60 11.39 -1.39 -13.80
CA HIS C 60 12.16 -2.10 -14.82
C HIS C 60 13.61 -1.67 -14.71
N PRO C 61 14.56 -2.57 -14.92
CA PRO C 61 16.01 -2.28 -14.88
C PRO C 61 16.42 -1.13 -15.79
N ASN C 62 15.71 -0.93 -16.90
CA ASN C 62 16.08 0.12 -17.84
C ASN C 62 15.20 1.36 -17.80
N ILE C 63 14.51 1.56 -16.68
CA ILE C 63 13.73 2.76 -16.42
C ILE C 63 14.17 3.32 -15.06
N VAL C 64 14.54 4.59 -15.04
CA VAL C 64 15.02 5.24 -13.81
C VAL C 64 14.04 5.00 -12.67
N LYS C 65 14.57 4.63 -11.50
CA LYS C 65 13.75 4.27 -10.34
C LYS C 65 13.38 5.51 -9.56
N LEU C 66 12.09 5.77 -9.40
CA LEU C 66 11.61 6.78 -8.49
C LEU C 66 11.51 6.16 -7.10
N LEU C 67 12.36 6.66 -6.21
CA LEU C 67 12.48 6.09 -4.86
C LEU C 67 11.45 6.67 -3.93
N ASP C 68 11.16 7.97 -4.04
CA ASP C 68 10.29 8.55 -3.04
C ASP C 68 9.75 9.86 -3.54
N VAL C 69 8.65 10.30 -2.94
CA VAL C 69 8.17 11.63 -3.22
C VAL C 69 7.96 12.29 -1.87
N ILE C 70 8.61 13.42 -1.65
CA ILE C 70 8.48 14.08 -0.36
C ILE C 70 7.74 15.35 -0.56
N HIS C 71 6.64 15.45 0.19
CA HIS C 71 5.44 16.11 -0.27
C HIS C 71 5.15 17.04 0.90
N THR C 72 5.81 18.19 0.91
CA THR C 72 5.54 19.17 1.97
C THR C 72 4.49 20.19 1.49
N GLU C 73 4.12 21.08 2.40
CA GLU C 73 3.32 22.26 2.07
C GLU C 73 3.86 23.12 0.92
N ASN C 74 5.10 23.57 1.00
CA ASN C 74 5.61 24.54 0.00
C ASN C 74 6.53 23.97 -1.07
N LYS C 75 6.86 22.69 -0.96
CA LYS C 75 7.86 22.11 -1.84
C LYS C 75 7.55 20.64 -2.08
N LEU C 76 7.98 20.13 -3.23
CA LEU C 76 7.73 18.74 -3.58
C LEU C 76 9.04 18.22 -4.17
N TYR C 77 9.58 17.15 -3.61
CA TYR C 77 10.88 16.64 -4.03
C TYR C 77 10.59 15.25 -4.61
N LEU C 78 11.11 14.95 -5.80
CA LEU C 78 11.14 13.57 -6.29
C LEU C 78 12.52 13.02 -5.97
N VAL C 79 12.61 11.86 -5.36
CA VAL C 79 13.91 11.27 -5.05
C VAL C 79 14.14 10.10 -5.98
N PHE C 80 15.12 10.25 -6.86
CA PHE C 80 15.42 9.18 -7.83
C PHE C 80 16.73 8.49 -7.45
N GLU C 81 16.90 7.25 -7.91
CA GLU C 81 18.25 6.67 -7.95
C GLU C 81 19.25 7.52 -8.76
N PHE C 82 20.50 7.47 -8.38
CA PHE C 82 21.48 8.35 -8.99
C PHE C 82 22.24 7.57 -10.06
N LEU C 83 22.40 8.18 -11.22
CA LEU C 83 23.25 7.59 -12.24
C LEU C 83 24.32 8.61 -12.61
N HIS C 84 25.47 8.09 -13.00
CA HIS C 84 26.69 8.85 -13.18
C HIS C 84 26.53 10.06 -14.10
N GLN C 85 25.94 9.87 -15.28
CA GLN C 85 25.61 11.00 -16.13
C GLN C 85 24.68 10.54 -17.22
N ASP C 86 24.40 11.43 -18.16
CA ASP C 86 23.60 11.12 -19.30
C ASP C 86 24.38 10.80 -20.57
N LEU C 87 23.64 10.32 -21.58
CA LEU C 87 24.24 9.77 -22.79
C LEU C 87 24.89 10.91 -23.56
N LYS C 88 24.24 12.06 -23.56
CA LYS C 88 24.76 13.25 -24.25
C LYS C 88 26.19 13.57 -23.84
N LYS C 89 26.46 13.56 -22.54
CA LYS C 89 27.76 13.96 -22.01
C LYS C 89 28.74 12.87 -22.40
N PHE C 90 28.23 11.65 -22.45
CA PHE C 90 29.11 10.52 -22.72
C PHE C 90 29.45 10.43 -24.20
N MET C 91 28.53 10.84 -25.07
CA MET C 91 28.82 10.90 -26.48
C MET C 91 29.88 11.96 -26.74
N ASP C 92 29.67 13.14 -26.19
CA ASP C 92 30.64 14.22 -26.37
C ASP C 92 32.04 13.90 -25.89
N ALA C 93 32.15 13.26 -24.73
CA ALA C 93 33.44 12.79 -24.23
C ALA C 93 34.03 11.71 -25.13
N SER C 94 33.23 11.18 -26.04
CA SER C 94 33.57 9.97 -26.77
C SER C 94 33.75 10.31 -28.23
N ALA C 95 33.36 11.52 -28.61
CA ALA C 95 33.57 12.00 -29.97
C ALA C 95 35.07 11.94 -30.26
N LEU C 96 35.44 11.85 -31.53
CA LEU C 96 36.85 11.75 -31.90
C LEU C 96 37.40 10.33 -31.68
N THR C 97 36.81 9.61 -30.74
CA THR C 97 37.21 8.24 -30.47
C THR C 97 36.07 7.25 -30.78
N GLY C 98 34.83 7.72 -30.65
CA GLY C 98 33.64 6.93 -30.95
C GLY C 98 33.25 6.08 -29.77
N ILE C 99 31.95 5.93 -29.50
CA ILE C 99 31.53 4.85 -28.60
C ILE C 99 31.77 3.53 -29.31
N PRO C 100 32.39 2.56 -28.63
CA PRO C 100 32.69 1.28 -29.27
C PRO C 100 31.39 0.59 -29.62
N LEU C 101 31.38 -0.10 -30.75
CA LEU C 101 30.16 -0.72 -31.25
C LEU C 101 29.45 -1.69 -30.31
N PRO C 102 30.19 -2.54 -29.58
CA PRO C 102 29.57 -3.44 -28.60
C PRO C 102 28.78 -2.68 -27.52
N LEU C 103 29.28 -1.50 -27.13
CA LEU C 103 28.59 -0.66 -26.17
C LEU C 103 27.32 -0.03 -26.76
N ILE C 104 27.40 0.50 -27.98
CA ILE C 104 26.21 0.98 -28.69
C ILE C 104 25.09 -0.08 -28.75
N LYS C 105 25.47 -1.32 -29.09
CA LYS C 105 24.49 -2.38 -29.24
C LYS C 105 23.90 -2.74 -27.88
N SER C 106 24.73 -2.79 -26.85
CA SER C 106 24.24 -2.96 -25.48
C SER C 106 23.26 -1.85 -25.07
N TYR C 107 23.65 -0.61 -25.27
CA TYR C 107 22.77 0.52 -24.94
C TYR C 107 21.43 0.46 -25.67
N LEU C 108 21.45 0.19 -26.97
CA LEU C 108 20.21 0.09 -27.75
C LEU C 108 19.30 -1.07 -27.34
N PHE C 109 19.90 -2.21 -27.07
CA PHE C 109 19.19 -3.40 -26.58
C PHE C 109 18.45 -3.07 -25.29
N GLN C 110 19.17 -2.52 -24.32
CA GLN C 110 18.59 -2.05 -23.04
C GLN C 110 17.49 -1.01 -23.20
N LEU C 111 17.74 -0.01 -24.04
CA LEU C 111 16.74 1.02 -24.28
C LEU C 111 15.46 0.41 -24.84
N LEU C 112 15.61 -0.52 -25.77
CA LEU C 112 14.49 -1.23 -26.37
C LEU C 112 13.75 -2.08 -25.36
N GLN C 113 14.45 -2.70 -24.40
CA GLN C 113 13.75 -3.41 -23.34
C GLN C 113 12.97 -2.46 -22.46
N GLY C 114 13.59 -1.31 -22.14
CA GLY C 114 12.89 -0.31 -21.35
C GLY C 114 11.66 0.20 -22.10
N LEU C 115 11.80 0.47 -23.39
CA LEU C 115 10.69 0.95 -24.23
C LEU C 115 9.58 -0.09 -24.36
N ALA C 116 9.95 -1.34 -24.64
CA ALA C 116 8.95 -2.40 -24.72
C ALA C 116 8.17 -2.52 -23.41
N PHE C 117 8.82 -2.31 -22.28
CA PHE C 117 8.14 -2.32 -20.99
C PHE C 117 7.15 -1.15 -20.89
N CYS C 118 7.53 0.05 -21.33
CA CYS C 118 6.64 1.20 -21.29
C CYS C 118 5.44 0.90 -22.21
N HIS C 119 5.69 0.44 -23.42
CA HIS C 119 4.59 0.35 -24.39
C HIS C 119 3.58 -0.69 -23.95
N SER C 120 4.08 -1.76 -23.35
CA SER C 120 3.21 -2.85 -22.96
C SER C 120 2.47 -2.47 -21.68
N HIS C 121 2.83 -1.32 -21.10
CA HIS C 121 2.09 -0.75 -19.96
C HIS C 121 1.32 0.51 -20.32
N ARG C 122 1.07 0.62 -21.62
CA ARG C 122 0.38 1.78 -22.21
C ARG C 122 1.01 3.12 -21.88
N VAL C 123 2.34 3.22 -21.84
CA VAL C 123 2.96 4.54 -21.59
C VAL C 123 3.81 4.91 -22.80
N LEU C 124 3.54 6.08 -23.41
CA LEU C 124 4.37 6.71 -24.46
C LEU C 124 5.32 7.69 -23.78
N HIS C 125 6.60 7.66 -24.12
CA HIS C 125 7.54 8.56 -23.43
C HIS C 125 7.52 9.92 -24.14
N ARG C 126 7.68 9.83 -25.45
CA ARG C 126 7.51 10.96 -26.37
C ARG C 126 8.72 11.89 -26.43
N ASP C 127 9.65 11.78 -25.49
CA ASP C 127 10.77 12.73 -25.46
C ASP C 127 12.11 12.04 -25.34
N LEU C 128 12.28 10.95 -26.07
CA LEU C 128 13.58 10.30 -25.99
C LEU C 128 14.63 11.16 -26.68
N LYS C 129 15.73 11.41 -25.98
CA LYS C 129 16.86 12.10 -26.60
C LYS C 129 17.98 11.83 -25.64
N PRO C 130 19.24 12.01 -26.07
CA PRO C 130 20.39 11.60 -25.28
C PRO C 130 20.47 12.26 -23.89
N GLN C 131 20.00 13.49 -23.76
CA GLN C 131 19.92 14.12 -22.43
C GLN C 131 19.04 13.36 -21.42
N ASN C 132 18.06 12.60 -21.93
CA ASN C 132 17.08 11.93 -21.09
C ASN C 132 17.40 10.45 -20.86
N LEU C 133 18.60 10.03 -21.29
CA LEU C 133 18.97 8.64 -21.14
C LEU C 133 20.19 8.61 -20.23
N LEU C 134 20.12 7.85 -19.14
CA LEU C 134 21.13 7.92 -18.09
C LEU C 134 21.99 6.67 -18.05
N ILE C 135 23.29 6.84 -17.78
CA ILE C 135 24.20 5.72 -17.78
C ILE C 135 24.96 5.60 -16.44
N ASN C 136 25.24 4.37 -16.03
CA ASN C 136 26.02 4.19 -14.82
C ASN C 136 27.32 3.46 -15.14
N THR C 137 28.16 3.30 -14.11
CA THR C 137 29.55 2.87 -14.33
C THR C 137 29.52 1.40 -14.67
N GLU C 138 28.42 0.73 -14.37
CA GLU C 138 28.31 -0.70 -14.56
C GLU C 138 27.86 -1.09 -15.98
N GLY C 139 27.60 -0.14 -16.86
CA GLY C 139 27.23 -0.45 -18.25
C GLY C 139 25.74 -0.52 -18.51
N ALA C 140 24.96 -0.09 -17.53
CA ALA C 140 23.51 0.00 -17.65
C ALA C 140 23.15 1.33 -18.28
N ILE C 141 22.03 1.35 -19.02
CA ILE C 141 21.43 2.61 -19.46
C ILE C 141 19.92 2.52 -19.17
N LYS C 142 19.33 3.66 -18.82
CA LYS C 142 17.98 3.79 -18.28
C LYS C 142 17.25 4.97 -18.92
N LEU C 143 15.98 4.74 -19.25
CA LEU C 143 15.07 5.84 -19.63
C LEU C 143 14.77 6.76 -18.46
N ALA C 144 14.82 8.07 -18.70
CA ALA C 144 14.45 9.00 -17.65
C ALA C 144 13.64 10.17 -18.18
N ASP C 145 13.19 11.00 -17.25
CA ASP C 145 12.43 12.19 -17.59
C ASP C 145 11.08 11.94 -18.27
N PHE C 146 10.15 11.45 -17.47
CA PHE C 146 8.82 11.05 -17.93
C PHE C 146 7.80 12.17 -17.86
N GLY C 147 8.33 13.39 -17.90
CA GLY C 147 7.49 14.55 -17.62
C GLY C 147 6.52 14.79 -18.75
N LEU C 148 6.91 14.38 -19.95
CA LEU C 148 6.07 14.52 -21.15
C LEU C 148 5.43 13.21 -21.53
N ALA C 149 5.69 12.17 -20.74
CA ALA C 149 5.10 10.86 -21.00
C ALA C 149 3.58 10.86 -20.88
N ARG C 150 2.89 9.92 -21.49
CA ARG C 150 1.42 9.98 -21.48
C ARG C 150 0.95 8.54 -21.46
N ALA C 151 -0.14 8.30 -20.74
CA ALA C 151 -0.82 6.99 -20.75
C ALA C 151 -1.69 6.92 -22.01
N PHE C 152 -1.62 5.83 -22.78
CA PHE C 152 -2.43 5.82 -24.01
C PHE C 152 -3.56 4.80 -24.01
N GLY C 153 -4.24 4.62 -22.88
CA GLY C 153 -5.45 3.78 -22.86
C GLY C 153 -6.49 4.34 -23.81
N VAL C 154 -6.41 5.65 -24.02
CA VAL C 154 -7.12 6.32 -25.09
C VAL C 154 -6.05 7.07 -25.90
N PRO C 155 -6.18 7.13 -27.24
CA PRO C 155 -5.15 7.70 -28.13
C PRO C 155 -4.70 9.11 -27.73
N VAL C 156 -3.39 9.32 -27.68
CA VAL C 156 -2.88 10.66 -27.35
C VAL C 156 -2.94 11.62 -28.53
N ARG C 157 -3.60 12.76 -28.32
CA ARG C 157 -3.73 13.78 -29.36
C ARG C 157 -2.51 14.66 -29.41
N THR C 158 -2.12 14.97 -30.63
CA THR C 158 -0.97 15.82 -30.85
C THR C 158 -1.25 17.28 -30.59
N TYR C 159 -0.14 17.90 -30.21
CA TYR C 159 -0.03 19.15 -29.49
C TYR C 159 0.17 20.10 -30.65
N THR C 160 -0.87 20.83 -31.01
CA THR C 160 -0.75 21.77 -32.11
C THR C 160 0.66 22.41 -32.14
N HIS C 161 1.01 23.10 -31.06
CA HIS C 161 2.23 23.88 -30.95
C HIS C 161 3.12 23.29 -29.87
N GLU C 162 3.21 21.97 -29.89
CA GLU C 162 4.17 21.24 -29.07
C GLU C 162 5.46 22.04 -28.87
N VAL C 163 5.94 22.05 -27.63
CA VAL C 163 7.39 21.98 -27.42
C VAL C 163 7.84 20.60 -26.96
N VAL C 164 8.36 19.81 -27.90
CA VAL C 164 8.71 18.41 -27.65
C VAL C 164 9.91 17.87 -28.43
N THR C 165 10.95 18.67 -28.62
CA THR C 165 12.17 18.22 -29.32
C THR C 165 11.95 18.01 -30.82
N LEU C 166 12.86 18.55 -31.61
CA LEU C 166 12.64 18.56 -33.04
C LEU C 166 13.51 17.49 -33.70
N TRP C 167 14.72 17.32 -33.19
CA TRP C 167 15.74 16.46 -33.81
C TRP C 167 15.31 15.00 -33.84
N TYR C 168 14.49 14.66 -32.85
CA TYR C 168 14.13 13.26 -32.60
C TYR C 168 12.64 13.02 -32.91
N ARG C 169 12.01 14.00 -33.56
CA ARG C 169 10.58 13.98 -33.85
C ARG C 169 10.31 13.16 -35.12
N ALA C 170 9.26 12.36 -35.05
CA ALA C 170 8.90 11.40 -36.09
C ALA C 170 8.20 12.12 -37.25
N PRO C 171 8.35 11.62 -38.48
CA PRO C 171 7.74 12.32 -39.62
C PRO C 171 6.22 12.45 -39.64
N GLU C 172 5.48 11.44 -39.16
CA GLU C 172 4.03 11.49 -39.12
C GLU C 172 3.61 12.64 -38.22
N ILE C 173 4.41 12.93 -37.20
CA ILE C 173 4.12 14.07 -36.37
C ILE C 173 4.36 15.40 -37.07
N LEU C 174 5.54 15.57 -37.67
CA LEU C 174 5.84 16.73 -38.51
C LEU C 174 4.83 16.94 -39.64
N LEU C 175 4.22 15.87 -40.13
CA LEU C 175 3.33 15.99 -41.27
C LEU C 175 1.86 16.21 -40.91
N GLY C 176 1.61 16.41 -39.61
CA GLY C 176 0.31 16.82 -39.10
C GLY C 176 -0.63 15.73 -38.61
N CYS C 177 -0.15 14.51 -38.36
CA CYS C 177 -1.13 13.54 -37.90
C CYS C 177 -1.68 13.88 -36.51
N LYS C 178 -2.86 13.32 -36.24
CA LYS C 178 -3.76 13.86 -35.21
C LYS C 178 -3.41 13.24 -33.86
N TYR C 179 -2.83 12.03 -33.91
CA TYR C 179 -2.51 11.23 -32.72
C TYR C 179 -1.06 10.75 -32.69
N TYR C 180 -0.50 10.62 -31.49
CA TYR C 180 0.73 9.87 -31.35
C TYR C 180 0.46 8.37 -31.48
N SER C 181 1.48 7.62 -31.89
CA SER C 181 1.54 6.20 -31.58
C SER C 181 2.87 5.80 -30.94
N THR C 182 3.01 4.54 -30.54
CA THR C 182 4.29 4.08 -29.97
C THR C 182 5.44 4.16 -30.98
N ALA C 183 5.09 4.20 -32.26
CA ALA C 183 6.08 4.33 -33.33
C ALA C 183 6.95 5.57 -33.17
N VAL C 184 6.45 6.62 -32.54
CA VAL C 184 7.24 7.84 -32.43
C VAL C 184 8.44 7.61 -31.51
N ASP C 185 8.30 6.81 -30.44
CA ASP C 185 9.48 6.48 -29.58
C ASP C 185 10.54 5.62 -30.31
N ILE C 186 10.10 4.71 -31.16
CA ILE C 186 11.01 3.90 -31.98
C ILE C 186 11.77 4.76 -32.97
N TRP C 187 11.08 5.70 -33.60
CA TRP C 187 11.76 6.67 -34.45
C TRP C 187 12.86 7.42 -33.69
N SER C 188 12.52 8.01 -32.55
CA SER C 188 13.56 8.67 -31.72
C SER C 188 14.77 7.81 -31.45
N LEU C 189 14.51 6.59 -31.02
CA LEU C 189 15.57 5.67 -30.69
C LEU C 189 16.37 5.29 -31.96
N GLY C 190 15.73 5.25 -33.12
CA GLY C 190 16.49 5.13 -34.37
C GLY C 190 17.49 6.26 -34.54
N CYS C 191 17.06 7.49 -34.27
CA CYS C 191 17.92 8.66 -34.40
C CYS C 191 19.08 8.58 -33.44
N ILE C 192 18.78 8.21 -32.21
CA ILE C 192 19.80 8.10 -31.19
C ILE C 192 20.79 6.99 -31.50
N PHE C 193 20.31 5.89 -32.06
CA PHE C 193 21.19 4.80 -32.50
C PHE C 193 22.15 5.29 -33.58
N ALA C 194 21.65 6.02 -34.57
CA ALA C 194 22.51 6.50 -35.64
C ALA C 194 23.53 7.48 -35.07
N GLU C 195 23.07 8.30 -34.14
CA GLU C 195 23.91 9.28 -33.48
C GLU C 195 25.09 8.72 -32.68
N MET C 196 24.87 7.67 -31.89
CA MET C 196 25.98 6.98 -31.28
C MET C 196 26.98 6.50 -32.33
N VAL C 197 26.45 6.07 -33.48
CA VAL C 197 27.28 5.33 -34.43
C VAL C 197 28.14 6.31 -35.24
N THR C 198 27.52 7.39 -35.72
CA THR C 198 28.20 8.36 -36.56
C THR C 198 28.79 9.51 -35.74
N ARG C 199 28.43 9.61 -34.47
CA ARG C 199 29.01 10.63 -33.63
C ARG C 199 28.44 12.03 -33.90
N ARG C 200 27.33 12.12 -34.62
CA ARG C 200 26.57 13.36 -34.64
C ARG C 200 25.09 13.13 -34.83
N ALA C 201 24.29 14.14 -34.49
CA ALA C 201 22.85 14.09 -34.69
C ALA C 201 22.51 13.71 -36.13
N LEU C 202 21.53 12.84 -36.31
CA LEU C 202 21.19 12.39 -37.66
C LEU C 202 20.45 13.49 -38.40
N PHE C 203 19.49 14.09 -37.71
CA PHE C 203 18.57 15.06 -38.32
C PHE C 203 18.51 16.28 -37.43
N PRO C 204 19.55 17.13 -37.44
CA PRO C 204 19.54 18.32 -36.59
C PRO C 204 18.81 19.51 -37.21
N GLY C 205 17.48 19.44 -37.29
CA GLY C 205 16.68 20.51 -37.87
C GLY C 205 16.39 21.69 -36.94
N ASP C 206 15.96 22.81 -37.53
CA ASP C 206 15.85 24.08 -36.81
C ASP C 206 14.41 24.61 -36.79
N SER C 207 13.57 23.99 -37.61
CA SER C 207 12.15 24.30 -37.69
C SER C 207 11.50 23.01 -38.15
N GLU C 208 10.17 22.95 -38.06
CA GLU C 208 9.49 21.78 -38.54
C GLU C 208 9.86 21.50 -39.98
N ILE C 209 9.93 22.55 -40.81
CA ILE C 209 10.17 22.34 -42.24
C ILE C 209 11.62 21.97 -42.49
N ASP C 210 12.52 22.56 -41.72
CA ASP C 210 13.92 22.17 -41.76
C ASP C 210 14.11 20.71 -41.39
N GLN C 211 13.35 20.28 -40.38
CA GLN C 211 13.41 18.92 -39.87
C GLN C 211 12.96 17.92 -40.91
N LEU C 212 11.82 18.18 -41.54
CA LEU C 212 11.35 17.30 -42.61
C LEU C 212 12.38 17.14 -43.73
N PHE C 213 13.02 18.23 -44.12
CA PHE C 213 13.86 18.19 -45.33
C PHE C 213 15.16 17.46 -44.97
N ARG C 214 15.62 17.63 -43.74
CA ARG C 214 16.71 16.80 -43.23
C ARG C 214 16.40 15.31 -43.38
N ILE C 215 15.17 14.94 -43.04
CA ILE C 215 14.77 13.53 -43.16
C ILE C 215 14.66 13.08 -44.60
N PHE C 216 13.93 13.84 -45.42
CA PHE C 216 13.69 13.53 -46.85
C PHE C 216 15.00 13.33 -47.65
N ARG C 217 16.04 14.09 -47.33
CA ARG C 217 17.25 14.03 -48.17
C ARG C 217 18.08 12.86 -47.73
N THR C 218 17.73 12.28 -46.59
CA THR C 218 18.40 11.09 -46.13
C THR C 218 17.65 9.83 -46.54
N LEU C 219 16.34 9.83 -46.38
CA LEU C 219 15.55 8.61 -46.55
C LEU C 219 14.70 8.70 -47.81
N GLY C 220 14.85 9.80 -48.54
CA GLY C 220 14.01 10.01 -49.71
C GLY C 220 12.73 10.72 -49.32
N THR C 221 12.07 11.29 -50.32
CA THR C 221 10.78 11.91 -50.08
C THR C 221 9.76 10.79 -50.11
N PRO C 222 8.92 10.69 -49.07
CA PRO C 222 7.96 9.58 -49.05
C PRO C 222 6.95 9.74 -50.17
N ASP C 223 6.48 8.63 -50.74
CA ASP C 223 5.35 8.64 -51.67
C ASP C 223 4.30 7.64 -51.20
N GLU C 224 3.19 7.56 -51.93
CA GLU C 224 2.08 6.70 -51.57
C GLU C 224 2.46 5.23 -51.56
N VAL C 225 3.46 4.87 -52.35
CA VAL C 225 3.93 3.48 -52.34
C VAL C 225 4.62 3.11 -51.02
N VAL C 226 5.55 3.94 -50.58
CA VAL C 226 6.19 3.73 -49.28
C VAL C 226 5.21 3.96 -48.13
N TRP C 227 4.27 4.88 -48.32
CA TRP C 227 3.46 5.33 -47.20
C TRP C 227 2.05 5.74 -47.61
N PRO C 228 1.16 4.75 -47.79
CA PRO C 228 -0.22 4.97 -48.19
C PRO C 228 -0.85 6.04 -47.31
N GLY C 229 -1.38 7.09 -47.93
CA GLY C 229 -1.99 8.18 -47.20
C GLY C 229 -1.15 9.44 -47.10
N VAL C 230 0.14 9.34 -47.40
CA VAL C 230 1.05 10.39 -46.97
C VAL C 230 0.76 11.72 -47.69
N THR C 231 0.33 11.64 -48.94
CA THR C 231 0.02 12.87 -49.69
C THR C 231 -1.25 13.58 -49.20
N SER C 232 -2.04 12.92 -48.34
CA SER C 232 -3.28 13.53 -47.87
C SER C 232 -3.19 14.05 -46.44
N MET C 233 -1.99 14.01 -45.87
CA MET C 233 -1.74 14.55 -44.55
C MET C 233 -1.70 16.06 -44.54
N PRO C 234 -2.17 16.69 -43.45
CA PRO C 234 -2.30 18.12 -43.25
C PRO C 234 -1.06 18.94 -43.67
N ASP C 235 0.14 18.54 -43.27
CA ASP C 235 1.27 19.40 -43.57
C ASP C 235 2.13 18.89 -44.72
N TYR C 236 1.53 18.03 -45.53
CA TYR C 236 2.18 17.59 -46.76
C TYR C 236 2.00 18.64 -47.84
N LYS C 237 3.06 18.93 -48.61
CA LYS C 237 2.96 19.77 -49.81
C LYS C 237 3.40 19.07 -51.08
N PRO C 238 2.53 19.02 -52.11
CA PRO C 238 2.94 18.44 -53.39
C PRO C 238 4.08 19.23 -54.07
N SER C 239 4.40 20.40 -53.54
CA SER C 239 5.55 21.15 -54.02
C SER C 239 6.87 20.68 -53.41
N PHE C 240 6.81 19.64 -52.59
CA PHE C 240 7.96 19.17 -51.84
C PHE C 240 8.92 18.53 -52.86
N PRO C 241 10.23 18.71 -52.65
CA PRO C 241 11.23 18.12 -53.55
C PRO C 241 11.04 16.63 -53.61
N LYS C 242 11.32 16.03 -54.77
CA LYS C 242 11.26 14.59 -54.88
C LYS C 242 12.65 13.97 -54.91
N TRP C 243 13.15 13.66 -53.71
CA TRP C 243 14.50 13.15 -53.51
C TRP C 243 14.44 11.64 -53.41
N ALA C 244 15.50 10.98 -53.90
CA ALA C 244 15.61 9.54 -53.77
C ALA C 244 16.23 9.12 -52.45
N ARG C 245 15.90 7.91 -52.05
CA ARG C 245 16.49 7.31 -50.89
C ARG C 245 17.96 7.02 -51.17
N GLN C 246 18.83 7.52 -50.29
CA GLN C 246 20.24 7.23 -50.42
C GLN C 246 20.65 5.97 -49.65
N ASP C 247 21.65 5.28 -50.18
CA ASP C 247 21.94 3.95 -49.69
C ASP C 247 22.46 4.05 -48.26
N PHE C 248 22.02 3.12 -47.42
CA PHE C 248 22.32 3.19 -46.00
C PHE C 248 23.80 3.13 -45.64
N SER C 249 24.62 2.54 -46.51
CA SER C 249 26.02 2.32 -46.20
C SER C 249 26.75 3.65 -46.09
N LYS C 250 26.14 4.70 -46.60
CA LYS C 250 26.78 6.00 -46.56
C LYS C 250 26.23 6.85 -45.40
N VAL C 251 25.03 6.50 -44.95
CA VAL C 251 24.43 7.16 -43.78
C VAL C 251 25.07 6.73 -42.46
N VAL C 252 25.31 5.44 -42.31
CA VAL C 252 25.94 4.92 -41.10
C VAL C 252 27.03 3.93 -41.53
N PRO C 253 28.09 4.44 -42.17
CA PRO C 253 29.19 3.61 -42.65
C PRO C 253 29.74 2.54 -41.69
N PRO C 254 29.95 2.88 -40.41
CA PRO C 254 30.47 1.89 -39.48
C PRO C 254 29.59 0.68 -39.19
N LEU C 255 28.31 0.72 -39.54
CA LEU C 255 27.37 -0.31 -39.08
C LEU C 255 27.39 -1.51 -40.03
N ASP C 256 27.30 -2.71 -39.48
CA ASP C 256 27.30 -3.92 -40.29
C ASP C 256 25.88 -4.13 -40.87
N GLU C 257 25.71 -5.13 -41.73
CA GLU C 257 24.42 -5.40 -42.38
C GLU C 257 23.27 -5.60 -41.39
N ASP C 258 23.43 -6.38 -40.33
CA ASP C 258 22.33 -6.48 -39.35
C ASP C 258 22.00 -5.14 -38.70
N GLY C 259 23.01 -4.38 -38.31
CA GLY C 259 22.78 -3.07 -37.73
C GLY C 259 22.04 -2.16 -38.70
N ARG C 260 22.41 -2.20 -39.98
CA ARG C 260 21.74 -1.38 -40.96
C ARG C 260 20.32 -1.87 -41.25
N SER C 261 20.11 -3.19 -41.26
CA SER C 261 18.76 -3.72 -41.35
C SER C 261 17.85 -3.19 -40.21
N LEU C 262 18.35 -3.18 -38.99
CA LEU C 262 17.51 -2.80 -37.88
C LEU C 262 17.21 -1.30 -37.96
N LEU C 263 18.24 -0.50 -38.22
CA LEU C 263 18.05 0.93 -38.21
C LEU C 263 17.03 1.38 -39.27
N SER C 264 17.08 0.73 -40.43
CA SER C 264 16.14 1.02 -41.49
C SER C 264 14.69 0.63 -41.14
N GLN C 265 14.50 -0.43 -40.36
CA GLN C 265 13.16 -0.75 -39.83
C GLN C 265 12.67 0.20 -38.74
N MET C 266 13.59 0.72 -37.93
CA MET C 266 13.24 1.78 -36.98
C MET C 266 12.95 3.14 -37.61
N LEU C 267 13.48 3.37 -38.81
CA LEU C 267 13.27 4.64 -39.48
C LEU C 267 12.36 4.48 -40.68
N HIS C 268 11.54 3.43 -40.69
CA HIS C 268 10.47 3.33 -41.68
C HIS C 268 9.50 4.50 -41.62
N TYR C 269 9.14 5.05 -42.78
CA TYR C 269 8.26 6.23 -42.83
C TYR C 269 6.90 5.93 -42.23
N ASP C 270 6.32 4.82 -42.65
CA ASP C 270 4.93 4.51 -42.29
C ASP C 270 4.89 3.92 -40.88
N PRO C 271 4.24 4.64 -39.97
CA PRO C 271 4.28 4.25 -38.56
C PRO C 271 3.59 2.91 -38.34
N ASN C 272 2.74 2.49 -39.28
CA ASN C 272 2.16 1.16 -39.21
C ASN C 272 3.14 0.06 -39.60
N LYS C 273 4.18 0.39 -40.36
CA LYS C 273 5.15 -0.64 -40.76
C LYS C 273 6.44 -0.54 -39.94
N ARG C 274 6.64 0.58 -39.25
CA ARG C 274 7.86 0.80 -38.46
C ARG C 274 8.00 -0.27 -37.35
N ILE C 275 9.19 -0.81 -37.13
CA ILE C 275 9.32 -1.96 -36.24
C ILE C 275 8.89 -1.54 -34.81
N SER C 276 8.28 -2.44 -34.05
CA SER C 276 7.96 -2.23 -32.63
C SER C 276 9.16 -2.55 -31.76
N ALA C 277 9.13 -2.11 -30.50
CA ALA C 277 10.25 -2.40 -29.59
C ALA C 277 10.40 -3.91 -29.36
N LYS C 278 9.26 -4.59 -29.28
CA LYS C 278 9.24 -6.02 -29.03
C LYS C 278 9.89 -6.82 -30.16
N ALA C 279 9.53 -6.50 -31.40
CA ALA C 279 10.10 -7.13 -32.59
C ALA C 279 11.59 -6.76 -32.79
N ALA C 280 11.96 -5.54 -32.44
CA ALA C 280 13.34 -5.11 -32.58
C ALA C 280 14.27 -5.92 -31.69
N LEU C 281 13.78 -6.21 -30.49
CA LEU C 281 14.54 -7.05 -29.57
C LEU C 281 14.87 -8.43 -30.14
N ALA C 282 14.03 -8.91 -31.06
CA ALA C 282 14.20 -10.23 -31.64
C ALA C 282 15.01 -10.14 -32.91
N HIS C 283 15.41 -8.93 -33.30
CA HIS C 283 16.31 -8.78 -34.46
C HIS C 283 17.67 -9.49 -34.30
N PRO C 284 18.16 -10.13 -35.38
CA PRO C 284 19.48 -10.78 -35.36
C PRO C 284 20.67 -9.89 -34.95
N PHE C 285 20.60 -8.58 -35.14
CA PHE C 285 21.60 -7.65 -34.59
C PHE C 285 21.98 -7.93 -33.12
N PHE C 286 21.00 -8.34 -32.33
CA PHE C 286 21.20 -8.52 -30.90
C PHE C 286 21.52 -9.97 -30.52
N GLN C 287 21.78 -10.84 -31.49
CA GLN C 287 22.05 -12.25 -31.16
C GLN C 287 23.33 -12.38 -30.33
N ASP C 288 24.26 -11.48 -30.47
CA ASP C 288 25.52 -11.63 -29.75
C ASP C 288 25.78 -10.40 -28.88
N VAL C 289 24.73 -9.89 -28.25
CA VAL C 289 24.87 -8.66 -27.49
C VAL C 289 25.57 -9.03 -26.18
N THR C 290 26.49 -8.19 -25.73
CA THR C 290 27.22 -8.44 -24.49
C THR C 290 26.92 -7.29 -23.51
N LYS C 291 27.60 -7.27 -22.37
CA LYS C 291 27.43 -6.14 -21.46
C LYS C 291 28.73 -5.42 -21.12
N PRO C 292 29.26 -4.66 -22.09
CA PRO C 292 30.49 -3.90 -21.92
C PRO C 292 30.30 -2.74 -20.92
N VAL C 293 31.38 -2.17 -20.42
CA VAL C 293 31.33 -1.06 -19.47
C VAL C 293 31.98 0.16 -20.06
N PRO C 294 31.36 1.33 -19.87
CA PRO C 294 31.84 2.56 -20.48
C PRO C 294 33.14 3.04 -19.82
N HIS C 295 34.01 3.67 -20.59
CA HIS C 295 35.10 4.40 -19.98
C HIS C 295 34.62 5.78 -19.53
N LEU C 296 34.39 5.92 -18.23
CA LEU C 296 33.51 6.97 -17.74
C LEU C 296 34.23 8.16 -17.10
N ARG C 297 34.08 9.34 -17.72
N VAL D 2 -3.76 -3.19 -34.80
CA VAL D 2 -3.53 -4.24 -33.76
C VAL D 2 -2.05 -4.71 -33.66
N PRO D 3 -1.17 -3.82 -33.18
CA PRO D 3 0.23 -4.10 -32.91
C PRO D 3 0.39 -5.08 -31.76
N ASP D 4 1.64 -5.39 -31.43
CA ASP D 4 1.94 -6.54 -30.56
C ASP D 4 1.90 -6.25 -29.05
N TYR D 5 1.14 -5.24 -28.63
CA TYR D 5 0.87 -4.98 -27.23
C TYR D 5 -0.57 -4.60 -26.92
N HIS D 6 -1.45 -4.56 -27.91
CA HIS D 6 -2.88 -4.56 -27.58
C HIS D 6 -3.29 -5.57 -26.50
N GLU D 7 -2.91 -6.83 -26.68
CA GLU D 7 -3.17 -7.86 -25.68
C GLU D 7 -2.55 -7.51 -24.32
N ASP D 8 -1.26 -7.21 -24.35
CA ASP D 8 -0.50 -6.88 -23.13
C ASP D 8 -1.23 -5.74 -22.38
N ILE D 9 -1.62 -4.71 -23.11
CA ILE D 9 -2.25 -3.55 -22.47
C ILE D 9 -3.62 -3.91 -21.88
N HIS D 10 -4.44 -4.59 -22.68
CA HIS D 10 -5.77 -4.99 -22.21
C HIS D 10 -5.61 -5.82 -20.93
N THR D 11 -4.66 -6.75 -20.93
CA THR D 11 -4.37 -7.56 -19.77
C THR D 11 -3.92 -6.73 -18.56
N TYR D 12 -3.11 -5.72 -18.82
CA TYR D 12 -2.61 -4.83 -17.76
C TYR D 12 -3.74 -3.93 -17.23
N LEU D 13 -4.56 -3.38 -18.13
CA LEU D 13 -5.73 -2.61 -17.72
C LEU D 13 -6.71 -3.41 -16.85
N ARG D 14 -6.90 -4.68 -17.18
CA ARG D 14 -7.75 -5.55 -16.37
C ARG D 14 -7.16 -5.77 -14.98
N GLU D 15 -5.84 -5.81 -14.90
CA GLU D 15 -5.15 -5.88 -13.62
C GLU D 15 -5.31 -4.60 -12.82
N MET D 16 -5.05 -3.47 -13.47
CA MET D 16 -5.17 -2.19 -12.80
C MET D 16 -6.59 -1.86 -12.35
N GLU D 17 -7.60 -2.30 -13.09
CA GLU D 17 -8.93 -1.76 -12.82
C GLU D 17 -9.33 -2.33 -11.48
N VAL D 18 -8.82 -3.52 -11.19
CA VAL D 18 -9.07 -4.10 -9.88
C VAL D 18 -8.37 -3.32 -8.75
N LYS D 19 -7.20 -2.77 -9.03
CA LYS D 19 -6.44 -2.05 -8.01
C LYS D 19 -6.98 -0.66 -7.72
N CYS D 20 -7.51 -0.01 -8.76
CA CYS D 20 -8.07 1.33 -8.66
C CYS D 20 -9.60 1.36 -8.43
N LYS D 21 -10.19 0.23 -8.03
CA LYS D 21 -11.62 0.21 -7.74
C LYS D 21 -11.92 0.95 -6.43
N PRO D 22 -12.88 1.88 -6.44
CA PRO D 22 -13.48 2.43 -5.21
C PRO D 22 -14.13 1.35 -4.35
N LYS D 23 -14.13 1.55 -3.04
CA LYS D 23 -15.01 0.82 -2.12
C LYS D 23 -16.48 0.89 -2.55
N VAL D 24 -17.08 -0.24 -2.88
CA VAL D 24 -18.46 -0.24 -3.39
C VAL D 24 -19.41 0.37 -2.35
N GLY D 25 -19.20 0.06 -1.07
CA GLY D 25 -20.16 0.45 -0.05
C GLY D 25 -19.93 1.79 0.64
N TYR D 26 -19.24 2.72 -0.03
CA TYR D 26 -18.63 3.82 0.68
C TYR D 26 -19.59 4.91 1.13
N MET D 27 -20.58 5.23 0.30
CA MET D 27 -21.55 6.28 0.61
C MET D 27 -22.31 6.03 1.93
N LYS D 28 -22.59 4.76 2.24
CA LYS D 28 -23.41 4.48 3.41
C LYS D 28 -22.61 4.78 4.67
N LYS D 29 -21.29 4.78 4.54
CA LYS D 29 -20.41 5.13 5.64
C LYS D 29 -20.07 6.62 5.68
N GLN D 30 -20.53 7.37 4.68
CA GLN D 30 -20.41 8.83 4.68
C GLN D 30 -21.56 9.48 5.45
N PRO D 31 -21.25 10.11 6.59
CA PRO D 31 -22.33 10.66 7.42
C PRO D 31 -23.10 11.81 6.80
N ASP D 32 -22.48 12.66 5.97
CA ASP D 32 -23.15 13.89 5.54
C ASP D 32 -23.58 13.94 4.07
N ILE D 33 -23.10 13.00 3.28
CA ILE D 33 -23.35 13.10 1.86
C ILE D 33 -23.97 11.80 1.37
N THR D 34 -24.53 11.86 0.17
CA THR D 34 -25.38 10.79 -0.33
C THR D 34 -25.14 10.53 -1.83
N ASN D 35 -25.59 9.38 -2.32
CA ASN D 35 -25.59 9.11 -3.76
C ASN D 35 -26.22 10.21 -4.62
N SER D 36 -27.25 10.90 -4.12
CA SER D 36 -27.93 11.87 -4.96
C SER D 36 -27.14 13.17 -5.01
N MET D 37 -26.43 13.48 -3.94
CA MET D 37 -25.45 14.59 -3.94
C MET D 37 -24.32 14.26 -4.92
N ARG D 38 -23.85 13.02 -4.93
CA ARG D 38 -22.82 12.61 -5.91
C ARG D 38 -23.33 12.69 -7.36
N ALA D 39 -24.58 12.29 -7.60
CA ALA D 39 -25.23 12.60 -8.90
C ALA D 39 -25.17 14.08 -9.30
N ILE D 40 -25.57 14.99 -8.42
CA ILE D 40 -25.64 16.40 -8.82
C ILE D 40 -24.22 16.80 -9.22
N LEU D 41 -23.25 16.30 -8.45
CA LEU D 41 -21.85 16.70 -8.65
C LEU D 41 -21.33 16.24 -10.02
N VAL D 42 -21.53 14.96 -10.31
CA VAL D 42 -20.99 14.41 -11.56
C VAL D 42 -21.70 15.15 -12.71
N ASP D 43 -22.97 15.47 -12.51
CA ASP D 43 -23.74 16.08 -13.60
C ASP D 43 -23.24 17.50 -13.81
N TRP D 44 -22.91 18.17 -12.72
CA TRP D 44 -22.19 19.43 -12.85
C TRP D 44 -20.85 19.35 -13.60
N LEU D 45 -20.07 18.31 -13.33
CA LEU D 45 -18.74 18.16 -13.94
C LEU D 45 -18.82 17.90 -15.43
N VAL D 46 -19.84 17.18 -15.87
CA VAL D 46 -20.14 17.12 -17.31
C VAL D 46 -20.24 18.52 -17.95
N GLU D 47 -20.99 19.41 -17.32
CA GLU D 47 -21.16 20.77 -17.85
C GLU D 47 -19.87 21.55 -17.76
N VAL D 48 -19.12 21.34 -16.68
CA VAL D 48 -17.77 21.92 -16.64
C VAL D 48 -16.95 21.44 -17.84
N GLY D 49 -17.11 20.16 -18.19
CA GLY D 49 -16.34 19.60 -19.30
C GLY D 49 -16.76 20.19 -20.64
N GLU D 50 -18.06 20.31 -20.86
CA GLU D 50 -18.57 21.12 -21.98
C GLU D 50 -18.06 22.55 -22.06
N GLU D 51 -18.15 23.28 -20.97
CA GLU D 51 -17.79 24.69 -20.98
C GLU D 51 -16.31 24.93 -21.33
N TYR D 52 -15.47 23.99 -20.96
CA TYR D 52 -14.05 24.19 -21.14
C TYR D 52 -13.55 23.24 -22.22
N LYS D 53 -14.46 22.47 -22.79
CA LYS D 53 -14.13 21.64 -23.94
C LYS D 53 -13.03 20.63 -23.62
N LEU D 54 -13.20 19.96 -22.48
CA LEU D 54 -12.28 18.93 -22.01
C LEU D 54 -12.64 17.60 -22.67
N GLN D 55 -11.66 16.73 -22.87
CA GLN D 55 -11.92 15.36 -23.36
C GLN D 55 -12.90 14.61 -22.48
N ASN D 56 -13.56 13.58 -23.01
CA ASN D 56 -14.34 12.70 -22.15
C ASN D 56 -13.55 11.90 -21.12
N GLU D 57 -12.33 11.53 -21.48
CA GLU D 57 -11.51 10.76 -20.57
C GLU D 57 -11.27 11.54 -19.26
N THR D 58 -11.03 12.83 -19.39
CA THR D 58 -10.90 13.71 -18.27
C THR D 58 -12.03 13.62 -17.26
N LEU D 59 -13.26 13.54 -17.77
CA LEU D 59 -14.46 13.42 -16.94
C LEU D 59 -14.42 12.10 -16.23
N HIS D 60 -14.16 11.03 -16.99
CA HIS D 60 -14.17 9.71 -16.35
C HIS D 60 -13.08 9.58 -15.27
N LEU D 61 -11.91 10.15 -15.51
CA LEU D 61 -10.80 10.03 -14.55
C LEU D 61 -11.19 10.81 -13.31
N ALA D 62 -11.74 12.01 -13.48
CA ALA D 62 -12.19 12.82 -12.34
C ALA D 62 -13.15 12.04 -11.45
N VAL D 63 -14.09 11.33 -12.06
CA VAL D 63 -15.03 10.59 -11.26
C VAL D 63 -14.32 9.46 -10.48
N ASN D 64 -13.37 8.78 -11.13
CA ASN D 64 -12.61 7.76 -10.43
C ASN D 64 -11.91 8.37 -9.23
N TYR D 65 -11.29 9.53 -9.38
CA TYR D 65 -10.57 10.17 -8.27
C TYR D 65 -11.52 10.51 -7.12
N ILE D 66 -12.68 11.04 -7.44
CA ILE D 66 -13.68 11.40 -6.42
C ILE D 66 -14.11 10.17 -5.62
N ASP D 67 -14.47 9.10 -6.32
CA ASP D 67 -14.96 7.90 -5.65
C ASP D 67 -13.86 7.24 -4.83
N ARG D 68 -12.61 7.25 -5.31
CA ARG D 68 -11.48 6.82 -4.49
C ARG D 68 -11.23 7.71 -3.25
N PHE D 69 -11.39 9.02 -3.42
CA PHE D 69 -11.17 9.94 -2.32
C PHE D 69 -12.20 9.70 -1.23
N LEU D 70 -13.47 9.70 -1.64
CA LEU D 70 -14.60 9.51 -0.73
C LEU D 70 -14.66 8.12 -0.10
N SER D 71 -13.93 7.16 -0.65
CA SER D 71 -13.79 5.83 -0.04
C SER D 71 -12.96 5.82 1.23
N SER D 72 -12.08 6.80 1.39
CA SER D 72 -11.29 6.88 2.60
C SER D 72 -11.45 8.15 3.43
N MET D 73 -12.00 9.22 2.87
CA MET D 73 -12.17 10.48 3.60
C MET D 73 -13.65 10.83 3.75
N SER D 74 -14.11 10.95 5.00
CA SER D 74 -15.35 11.68 5.30
C SER D 74 -15.36 13.11 4.86
N VAL D 75 -16.44 13.48 4.17
CA VAL D 75 -16.54 14.81 3.56
C VAL D 75 -17.91 15.45 3.83
N LEU D 76 -17.90 16.71 4.28
CA LEU D 76 -19.16 17.41 4.55
C LEU D 76 -19.75 17.93 3.22
N ARG D 77 -21.08 18.09 3.18
CA ARG D 77 -21.78 18.40 1.94
C ARG D 77 -21.30 19.71 1.33
N GLY D 78 -20.94 20.65 2.19
CA GLY D 78 -20.43 21.94 1.71
C GLY D 78 -18.99 21.93 1.19
N LYS D 79 -18.32 20.78 1.29
CA LYS D 79 -16.99 20.61 0.67
C LYS D 79 -16.97 19.61 -0.49
N LEU D 80 -18.08 18.93 -0.74
CA LEU D 80 -18.11 17.96 -1.81
C LEU D 80 -17.70 18.58 -3.17
N GLN D 81 -18.17 19.79 -3.46
CA GLN D 81 -17.88 20.44 -4.73
C GLN D 81 -16.41 20.82 -4.85
N LEU D 82 -15.77 21.00 -3.69
CA LEU D 82 -14.34 21.31 -3.64
C LEU D 82 -13.50 20.08 -4.01
N VAL D 83 -13.90 18.92 -3.49
CA VAL D 83 -13.33 17.64 -3.90
C VAL D 83 -13.47 17.47 -5.40
N GLY D 84 -14.69 17.70 -5.89
CA GLY D 84 -15.03 17.58 -7.31
C GLY D 84 -14.20 18.50 -8.17
N THR D 85 -13.96 19.71 -7.69
CA THR D 85 -13.32 20.69 -8.54
C THR D 85 -11.83 20.35 -8.68
N ALA D 86 -11.27 19.87 -7.57
CA ALA D 86 -9.85 19.56 -7.51
C ALA D 86 -9.56 18.28 -8.28
N ALA D 87 -10.50 17.34 -8.22
CA ALA D 87 -10.37 16.11 -9.01
C ALA D 87 -10.34 16.41 -10.52
N MET D 88 -11.22 17.32 -10.92
CA MET D 88 -11.28 17.76 -12.32
C MET D 88 -10.06 18.49 -12.76
N LEU D 89 -9.58 19.42 -11.93
CA LEU D 89 -8.27 20.01 -12.12
C LEU D 89 -7.21 18.94 -12.32
N LEU D 90 -7.16 17.94 -11.44
CA LEU D 90 -6.06 16.99 -11.49
C LEU D 90 -6.18 16.09 -12.73
N ALA D 91 -7.39 15.60 -13.01
CA ALA D 91 -7.65 14.85 -14.22
C ALA D 91 -7.27 15.64 -15.49
N SER D 92 -7.55 16.95 -15.51
CA SER D 92 -7.14 17.83 -16.63
C SER D 92 -5.63 17.90 -16.79
N LYS D 93 -4.90 18.03 -15.68
CA LYS D 93 -3.45 18.10 -15.76
C LYS D 93 -2.92 16.79 -16.32
N PHE D 94 -3.59 15.70 -15.97
CA PHE D 94 -3.12 14.38 -16.39
C PHE D 94 -3.35 14.14 -17.89
N GLU D 95 -4.55 14.52 -18.34
CA GLU D 95 -5.17 14.01 -19.56
C GLU D 95 -5.24 15.05 -20.68
N GLU D 96 -5.36 16.34 -20.35
CA GLU D 96 -5.43 17.39 -21.37
C GLU D 96 -4.06 17.81 -21.84
N ILE D 97 -4.01 18.45 -23.01
CA ILE D 97 -2.72 18.96 -23.49
C ILE D 97 -2.38 20.23 -22.73
N TYR D 98 -3.36 21.11 -22.61
CA TYR D 98 -3.24 22.27 -21.74
C TYR D 98 -4.50 22.32 -20.91
N PRO D 99 -4.35 22.13 -19.59
CA PRO D 99 -5.48 22.27 -18.68
C PRO D 99 -5.96 23.72 -18.48
N PRO D 100 -7.24 23.90 -18.11
CA PRO D 100 -7.68 25.22 -17.69
C PRO D 100 -6.85 25.70 -16.51
N GLU D 101 -6.71 27.01 -16.33
CA GLU D 101 -6.12 27.53 -15.10
C GLU D 101 -6.96 27.27 -13.84
N VAL D 102 -6.32 27.14 -12.69
CA VAL D 102 -7.04 27.05 -11.41
C VAL D 102 -8.07 28.19 -11.28
N ALA D 103 -7.67 29.40 -11.70
CA ALA D 103 -8.59 30.55 -11.69
C ALA D 103 -9.91 30.19 -12.36
N GLU D 104 -9.81 29.52 -13.50
CA GLU D 104 -11.02 29.15 -14.24
C GLU D 104 -11.86 28.23 -13.41
N PHE D 105 -11.20 27.39 -12.62
CA PHE D 105 -11.91 26.35 -11.87
C PHE D 105 -12.58 26.99 -10.66
N VAL D 106 -11.92 28.01 -10.12
CA VAL D 106 -12.55 28.85 -9.09
C VAL D 106 -13.73 29.61 -9.67
N TYR D 107 -13.49 30.34 -10.76
CA TYR D 107 -14.55 31.01 -11.51
C TYR D 107 -15.79 30.14 -11.71
N ILE D 108 -15.61 28.94 -12.25
CA ILE D 108 -16.77 28.15 -12.61
C ILE D 108 -17.61 27.62 -11.45
N THR D 109 -17.09 27.69 -10.21
CA THR D 109 -17.92 27.36 -9.07
C THR D 109 -18.66 28.60 -8.52
N ASP D 110 -18.47 29.75 -9.15
CA ASP D 110 -19.15 30.94 -8.67
C ASP D 110 -18.42 31.48 -7.44
N ASP D 111 -17.09 31.45 -7.49
CA ASP D 111 -16.28 31.72 -6.31
C ASP D 111 -16.79 31.12 -4.99
N THR D 112 -17.23 29.87 -5.04
CA THR D 112 -17.52 29.12 -3.82
C THR D 112 -16.28 28.84 -2.96
N TYR D 113 -15.13 28.62 -3.58
CA TYR D 113 -13.94 28.35 -2.82
C TYR D 113 -12.93 29.27 -3.43
N THR D 114 -11.82 29.46 -2.73
CA THR D 114 -10.75 30.28 -3.25
C THR D 114 -9.73 29.37 -3.90
N LYS D 115 -8.86 30.02 -4.66
CA LYS D 115 -7.72 29.39 -5.31
C LYS D 115 -6.96 28.58 -4.29
N LYS D 116 -6.72 29.21 -3.15
CA LYS D 116 -5.91 28.60 -2.12
C LYS D 116 -6.56 27.31 -1.70
N GLN D 117 -7.87 27.32 -1.48
CA GLN D 117 -8.57 26.08 -1.16
C GLN D 117 -8.42 25.02 -2.23
N VAL D 118 -8.59 25.38 -3.51
CA VAL D 118 -8.52 24.40 -4.61
C VAL D 118 -7.13 23.79 -4.69
N LEU D 119 -6.09 24.59 -4.49
CA LEU D 119 -4.74 24.09 -4.56
C LEU D 119 -4.43 23.23 -3.34
N ARG D 120 -4.95 23.63 -2.18
CA ARG D 120 -4.78 22.78 -1.02
C ARG D 120 -5.50 21.46 -1.17
N MET D 121 -6.72 21.50 -1.70
CA MET D 121 -7.44 20.25 -2.01
C MET D 121 -6.72 19.33 -2.99
N GLU D 122 -6.19 19.88 -4.08
CA GLU D 122 -5.41 19.07 -5.03
C GLU D 122 -4.25 18.35 -4.33
N HIS D 123 -3.53 19.06 -3.47
CA HIS D 123 -2.48 18.41 -2.70
C HIS D 123 -3.04 17.27 -1.87
N LEU D 124 -4.16 17.49 -1.17
CA LEU D 124 -4.77 16.43 -0.38
C LEU D 124 -5.25 15.25 -1.22
N VAL D 125 -5.93 15.51 -2.33
CA VAL D 125 -6.37 14.42 -3.20
C VAL D 125 -5.16 13.60 -3.62
N LEU D 126 -4.08 14.27 -3.99
CA LEU D 126 -2.90 13.57 -4.55
C LEU D 126 -2.39 12.66 -3.46
N LYS D 127 -2.35 13.18 -2.23
CA LYS D 127 -1.84 12.46 -1.07
C LYS D 127 -2.72 11.26 -0.81
N VAL D 128 -4.04 11.47 -0.82
CA VAL D 128 -4.95 10.34 -0.59
C VAL D 128 -4.94 9.29 -1.68
N LEU D 129 -4.85 9.72 -2.93
CA LEU D 129 -4.72 8.78 -4.03
C LEU D 129 -3.30 8.20 -4.13
N THR D 130 -2.40 8.56 -3.22
CA THR D 130 -0.98 8.20 -3.36
C THR D 130 -0.40 8.41 -4.77
N PHE D 131 -0.78 9.53 -5.38
CA PHE D 131 -0.30 9.94 -6.69
C PHE D 131 -0.63 8.91 -7.75
N ASP D 132 -1.57 8.01 -7.47
CA ASP D 132 -1.88 7.03 -8.51
C ASP D 132 -3.03 7.45 -9.40
N LEU D 133 -2.68 8.08 -10.52
CA LEU D 133 -3.68 8.78 -11.33
C LEU D 133 -4.04 8.12 -12.66
N ALA D 134 -3.29 7.11 -13.07
CA ALA D 134 -3.54 6.58 -14.40
C ALA D 134 -4.58 5.46 -14.33
N ALA D 135 -5.80 5.75 -13.88
CA ALA D 135 -6.76 4.68 -13.62
C ALA D 135 -7.43 4.29 -14.93
N PRO D 136 -7.72 3.00 -15.13
CA PRO D 136 -8.58 2.60 -16.24
C PRO D 136 -10.02 3.06 -16.09
N THR D 137 -10.60 3.51 -17.20
CA THR D 137 -11.95 4.04 -17.17
C THR D 137 -12.80 3.26 -18.15
N VAL D 138 -14.12 3.39 -18.03
CA VAL D 138 -15.02 2.85 -19.03
C VAL D 138 -14.67 3.24 -20.46
N ASN D 139 -14.26 4.49 -20.61
CA ASN D 139 -13.89 5.15 -21.86
C ASN D 139 -12.70 4.44 -22.52
N GLN D 140 -11.74 4.04 -21.69
CA GLN D 140 -10.61 3.27 -22.19
C GLN D 140 -11.04 1.90 -22.67
N PHE D 141 -11.83 1.17 -21.90
CA PHE D 141 -12.23 -0.14 -22.41
C PHE D 141 -13.10 0.00 -23.68
N LEU D 142 -14.00 0.97 -23.74
CA LEU D 142 -14.75 1.16 -24.98
C LEU D 142 -13.81 1.40 -26.16
N THR D 143 -12.89 2.36 -26.01
CA THR D 143 -11.98 2.72 -27.09
C THR D 143 -11.36 1.46 -27.67
N GLN D 144 -10.94 0.54 -26.80
CA GLN D 144 -10.40 -0.74 -27.23
C GLN D 144 -11.43 -1.68 -27.89
N TYR D 145 -12.62 -1.78 -27.30
CA TYR D 145 -13.66 -2.65 -27.83
C TYR D 145 -14.02 -2.19 -29.24
N PHE D 146 -14.02 -0.89 -29.46
CA PHE D 146 -14.42 -0.37 -30.76
C PHE D 146 -13.61 -1.01 -31.91
N LEU D 147 -12.44 -1.58 -31.60
CA LEU D 147 -11.58 -2.13 -32.65
C LEU D 147 -12.16 -3.43 -33.19
N HIS D 148 -13.06 -4.04 -32.42
CA HIS D 148 -13.62 -5.33 -32.77
C HIS D 148 -14.96 -5.11 -33.46
N GLN D 149 -15.17 -3.91 -34.00
CA GLN D 149 -16.40 -3.63 -34.75
C GLN D 149 -16.25 -4.17 -36.16
N GLN D 150 -17.37 -4.45 -36.81
CA GLN D 150 -17.37 -4.74 -38.25
C GLN D 150 -18.70 -4.47 -38.94
N PRO D 151 -18.74 -3.40 -39.73
CA PRO D 151 -17.64 -2.43 -39.73
C PRO D 151 -17.85 -1.38 -38.62
N ALA D 152 -16.91 -0.43 -38.52
CA ALA D 152 -17.05 0.67 -37.59
C ALA D 152 -18.32 1.48 -37.86
N ASN D 153 -18.99 1.90 -36.78
CA ASN D 153 -20.23 2.66 -36.88
C ASN D 153 -20.15 3.87 -35.96
N CYS D 154 -20.10 5.07 -36.52
CA CYS D 154 -20.10 6.29 -35.74
C CYS D 154 -21.25 6.42 -34.75
N LYS D 155 -22.42 5.92 -35.12
CA LYS D 155 -23.58 5.92 -34.23
C LYS D 155 -23.41 4.94 -33.07
N VAL D 156 -23.07 3.70 -33.39
CA VAL D 156 -22.71 2.74 -32.35
C VAL D 156 -21.67 3.33 -31.38
N GLU D 157 -20.69 4.06 -31.88
CA GLU D 157 -19.58 4.42 -31.02
C GLU D 157 -20.03 5.57 -30.11
N SER D 158 -20.77 6.52 -30.69
CA SER D 158 -21.27 7.66 -29.95
C SER D 158 -22.26 7.21 -28.90
N LEU D 159 -23.05 6.21 -29.26
CA LEU D 159 -24.10 5.77 -28.37
C LEU D 159 -23.45 5.01 -27.23
N ALA D 160 -22.49 4.17 -27.55
CA ALA D 160 -21.80 3.41 -26.51
C ALA D 160 -21.18 4.36 -25.49
N MET D 161 -20.52 5.44 -25.94
CA MET D 161 -19.96 6.46 -25.07
C MET D 161 -21.03 7.18 -24.23
N PHE D 162 -22.17 7.50 -24.84
CA PHE D 162 -23.28 8.10 -24.12
C PHE D 162 -23.70 7.24 -22.92
N LEU D 163 -23.96 5.98 -23.21
CA LEU D 163 -24.38 5.07 -22.16
C LEU D 163 -23.38 4.94 -21.03
N GLY D 164 -22.09 4.89 -21.35
CA GLY D 164 -21.10 4.71 -20.31
C GLY D 164 -20.93 5.96 -19.46
N GLU D 165 -21.16 7.14 -20.05
CA GLU D 165 -21.22 8.39 -19.27
C GLU D 165 -22.36 8.37 -18.27
N LEU D 166 -23.49 7.81 -18.67
CA LEU D 166 -24.68 7.84 -17.84
C LEU D 166 -24.40 7.00 -16.61
N SER D 167 -23.61 5.95 -16.80
CA SER D 167 -23.24 5.06 -15.70
C SER D 167 -22.45 5.81 -14.63
N LEU D 168 -21.81 6.92 -14.97
CA LEU D 168 -21.04 7.65 -13.95
C LEU D 168 -21.88 8.39 -12.91
N ILE D 169 -23.09 8.77 -13.32
CA ILE D 169 -24.00 9.55 -12.48
C ILE D 169 -24.47 8.80 -11.24
N ASP D 170 -24.82 7.53 -11.42
CA ASP D 170 -25.45 6.71 -10.38
C ASP D 170 -24.57 5.64 -9.71
N ALA D 171 -24.07 5.93 -8.50
CA ALA D 171 -23.13 5.01 -7.82
C ALA D 171 -23.80 3.72 -7.44
N ASP D 172 -25.10 3.81 -7.18
CA ASP D 172 -25.96 2.64 -7.11
C ASP D 172 -26.76 2.56 -8.42
N PRO D 173 -26.58 1.47 -9.20
CA PRO D 173 -25.77 0.29 -8.94
C PRO D 173 -24.35 0.29 -9.47
N TYR D 174 -23.90 1.34 -10.17
CA TYR D 174 -22.78 1.13 -11.07
C TYR D 174 -21.41 0.99 -10.39
N LEU D 175 -21.29 1.36 -9.11
CA LEU D 175 -20.08 1.05 -8.33
C LEU D 175 -19.86 -0.46 -8.11
N LYS D 176 -20.92 -1.24 -8.26
CA LYS D 176 -20.75 -2.70 -8.25
C LYS D 176 -19.94 -3.31 -9.40
N TYR D 177 -19.80 -2.61 -10.51
CA TYR D 177 -19.29 -3.21 -11.74
C TYR D 177 -17.93 -2.58 -12.08
N LEU D 178 -16.97 -3.38 -12.55
CA LEU D 178 -15.69 -2.90 -13.06
C LEU D 178 -15.90 -2.14 -14.35
N PRO D 179 -15.01 -1.18 -14.64
CA PRO D 179 -15.12 -0.47 -15.90
C PRO D 179 -15.21 -1.38 -17.14
N SER D 180 -14.51 -2.50 -17.14
CA SER D 180 -14.44 -3.35 -18.34
C SER D 180 -15.79 -3.97 -18.61
N VAL D 181 -16.52 -4.23 -17.52
CA VAL D 181 -17.87 -4.78 -17.57
C VAL D 181 -18.89 -3.73 -17.98
N ILE D 182 -18.90 -2.58 -17.32
CA ILE D 182 -19.75 -1.51 -17.83
C ILE D 182 -19.54 -1.26 -19.31
N ALA D 183 -18.28 -1.25 -19.73
CA ALA D 183 -17.97 -0.91 -21.12
C ALA D 183 -18.53 -2.02 -22.03
N GLY D 184 -18.49 -3.27 -21.56
CA GLY D 184 -18.98 -4.36 -22.41
C GLY D 184 -20.48 -4.21 -22.62
N ALA D 185 -21.18 -3.92 -21.53
CA ALA D 185 -22.63 -3.77 -21.58
C ALA D 185 -22.97 -2.57 -22.47
N ALA D 186 -22.20 -1.50 -22.32
CA ALA D 186 -22.55 -0.29 -23.07
C ALA D 186 -22.41 -0.57 -24.56
N PHE D 187 -21.38 -1.35 -24.90
CA PHE D 187 -21.04 -1.68 -26.28
C PHE D 187 -22.11 -2.62 -26.90
N HIS D 188 -22.38 -3.74 -26.25
CA HIS D 188 -23.59 -4.46 -26.61
C HIS D 188 -24.83 -3.61 -26.89
N LEU D 189 -25.29 -2.87 -25.88
CA LEU D 189 -26.52 -2.12 -26.03
C LEU D 189 -26.47 -1.15 -27.20
N ALA D 190 -25.29 -0.59 -27.50
CA ALA D 190 -25.23 0.39 -28.59
C ALA D 190 -25.34 -0.31 -29.95
N LEU D 191 -24.62 -1.42 -30.07
CA LEU D 191 -24.61 -2.30 -31.25
C LEU D 191 -26.05 -2.74 -31.52
N TYR D 192 -26.66 -3.26 -30.47
CA TYR D 192 -28.01 -3.78 -30.56
C TYR D 192 -28.99 -2.70 -31.02
N THR D 193 -28.99 -1.55 -30.36
CA THR D 193 -29.91 -0.48 -30.73
C THR D 193 -29.71 0.00 -32.17
N VAL D 194 -28.45 0.01 -32.62
CA VAL D 194 -28.16 0.75 -33.83
C VAL D 194 -28.24 -0.11 -35.08
N THR D 195 -27.64 -1.30 -35.01
CA THR D 195 -27.53 -2.21 -36.14
C THR D 195 -28.07 -3.59 -35.79
N GLY D 196 -28.57 -3.73 -34.56
CA GLY D 196 -29.11 -5.01 -34.15
C GLY D 196 -28.06 -6.10 -34.01
N GLN D 197 -26.78 -5.76 -34.15
CA GLN D 197 -25.71 -6.69 -33.73
C GLN D 197 -25.60 -6.93 -32.22
N SER D 198 -24.72 -7.86 -31.84
CA SER D 198 -24.47 -8.22 -30.45
C SER D 198 -22.97 -8.19 -30.12
N TRP D 199 -22.66 -8.13 -28.82
CA TRP D 199 -21.35 -8.46 -28.26
C TRP D 199 -20.58 -9.44 -29.15
N PRO D 200 -19.49 -8.97 -29.78
CA PRO D 200 -18.74 -9.76 -30.76
C PRO D 200 -17.98 -10.98 -30.18
N GLU D 201 -17.92 -12.04 -30.96
CA GLU D 201 -17.21 -13.25 -30.57
C GLU D 201 -15.71 -13.04 -30.30
N SER D 202 -15.08 -12.16 -31.07
CA SER D 202 -13.69 -11.79 -30.80
C SER D 202 -13.42 -11.16 -29.42
N LEU D 203 -14.43 -10.52 -28.83
CA LEU D 203 -14.31 -9.89 -27.50
C LEU D 203 -14.61 -10.85 -26.34
N ILE D 204 -15.56 -11.76 -26.59
CA ILE D 204 -15.81 -12.92 -25.72
C ILE D 204 -14.53 -13.71 -25.43
N ARG D 205 -13.82 -14.16 -26.45
CA ARG D 205 -12.48 -14.73 -26.29
C ARG D 205 -11.53 -13.78 -25.56
N LYS D 206 -11.42 -12.53 -26.04
CA LYS D 206 -10.40 -11.60 -25.51
C LYS D 206 -10.66 -11.23 -24.04
N THR D 207 -11.91 -10.96 -23.71
CA THR D 207 -12.29 -10.45 -22.38
C THR D 207 -12.63 -11.59 -21.44
N GLY D 208 -13.12 -12.69 -21.99
CA GLY D 208 -13.59 -13.80 -21.19
C GLY D 208 -15.01 -13.55 -20.70
N TYR D 209 -15.65 -12.51 -21.22
CA TYR D 209 -17.02 -12.18 -20.86
C TYR D 209 -17.98 -12.68 -21.96
N THR D 210 -18.77 -13.70 -21.62
CA THR D 210 -19.96 -14.09 -22.38
C THR D 210 -20.99 -12.98 -22.28
N LEU D 211 -21.82 -12.83 -23.32
CA LEU D 211 -23.00 -11.98 -23.23
C LEU D 211 -23.75 -12.22 -21.93
N GLU D 212 -23.70 -13.47 -21.48
CA GLU D 212 -24.43 -13.92 -20.31
C GLU D 212 -23.86 -13.24 -19.07
N SER D 213 -22.55 -13.23 -18.95
CA SER D 213 -21.92 -12.60 -17.78
C SER D 213 -22.22 -11.10 -17.76
N LEU D 214 -22.47 -10.52 -18.91
CA LEU D 214 -22.85 -9.12 -18.96
C LEU D 214 -24.27 -8.77 -18.51
N LYS D 215 -25.11 -9.77 -18.34
CA LYS D 215 -26.55 -9.55 -18.19
C LYS D 215 -27.01 -8.67 -17.01
N PRO D 216 -26.53 -8.96 -15.79
CA PRO D 216 -26.85 -8.13 -14.64
C PRO D 216 -26.54 -6.66 -14.92
N CYS D 217 -25.37 -6.43 -15.51
CA CYS D 217 -24.95 -5.07 -15.73
C CYS D 217 -25.77 -4.48 -16.87
N LEU D 218 -25.92 -5.27 -17.93
CA LEU D 218 -26.85 -4.99 -19.02
C LEU D 218 -28.29 -4.62 -18.65
N MET D 219 -28.89 -5.37 -17.72
CA MET D 219 -30.22 -5.03 -17.23
C MET D 219 -30.30 -3.62 -16.64
N ASP D 220 -29.26 -3.30 -15.87
CA ASP D 220 -29.27 -2.08 -15.09
C ASP D 220 -29.10 -0.90 -16.04
N LEU D 221 -28.20 -1.09 -17.02
CA LEU D 221 -27.92 -0.05 -18.01
C LEU D 221 -29.11 0.23 -18.95
N HIS D 222 -29.87 -0.83 -19.24
CA HIS D 222 -31.03 -0.67 -20.14
C HIS D 222 -32.15 0.15 -19.49
N GLN D 223 -32.46 -0.19 -18.24
CA GLN D 223 -33.30 0.65 -17.38
C GLN D 223 -32.88 2.11 -17.38
N THR D 224 -31.58 2.35 -17.12
CA THR D 224 -31.02 3.69 -17.14
C THR D 224 -31.26 4.35 -18.48
N TYR D 225 -30.99 3.61 -19.56
CA TYR D 225 -31.21 4.14 -20.91
C TYR D 225 -32.69 4.50 -21.08
N LEU D 226 -33.58 3.62 -20.63
CA LEU D 226 -35.02 3.92 -20.64
C LEU D 226 -35.37 5.19 -19.86
N LYS D 227 -34.77 5.34 -18.68
CA LYS D 227 -35.26 6.34 -17.73
C LYS D 227 -34.56 7.68 -17.91
N ALA D 228 -33.62 7.75 -18.84
CA ALA D 228 -32.78 8.94 -18.98
C ALA D 228 -33.58 10.22 -19.17
N PRO D 229 -34.57 10.21 -20.08
CA PRO D 229 -35.30 11.47 -20.30
C PRO D 229 -36.00 11.97 -19.04
N GLN D 230 -36.25 11.08 -18.09
CA GLN D 230 -36.88 11.48 -16.84
C GLN D 230 -35.94 11.77 -15.68
N HIS D 231 -34.64 11.51 -15.83
CA HIS D 231 -33.73 11.51 -14.70
C HIS D 231 -33.55 12.96 -14.25
N ALA D 232 -33.43 13.16 -12.94
CA ALA D 232 -33.19 14.52 -12.41
C ALA D 232 -32.00 15.23 -13.09
N GLN D 233 -31.00 14.45 -13.48
CA GLN D 233 -29.79 15.01 -14.06
C GLN D 233 -29.81 14.82 -15.57
N GLN D 234 -29.42 15.84 -16.32
CA GLN D 234 -29.71 15.89 -17.75
C GLN D 234 -28.56 16.41 -18.62
N SER D 235 -27.41 16.70 -18.00
CA SER D 235 -26.35 17.35 -18.76
C SER D 235 -25.78 16.45 -19.87
N ILE D 236 -25.84 15.15 -19.63
CA ILE D 236 -25.23 14.18 -20.51
C ILE D 236 -26.15 14.03 -21.75
N ARG D 237 -27.45 13.89 -21.52
CA ARG D 237 -28.44 14.04 -22.62
C ARG D 237 -28.26 15.32 -23.43
N GLU D 238 -28.15 16.45 -22.77
CA GLU D 238 -28.01 17.67 -23.54
C GLU D 238 -26.78 17.61 -24.46
N LYS D 239 -25.63 17.25 -23.88
CA LYS D 239 -24.36 17.16 -24.58
C LYS D 239 -24.47 16.16 -25.76
N TYR D 240 -25.13 15.04 -25.53
CA TYR D 240 -25.16 14.03 -26.58
C TYR D 240 -26.28 14.23 -27.60
N LYS D 241 -26.98 15.35 -27.51
CA LYS D 241 -27.83 15.86 -28.60
C LYS D 241 -27.05 16.51 -29.74
N ASN D 242 -25.79 16.88 -29.46
CA ASN D 242 -24.98 17.63 -30.40
C ASN D 242 -24.72 16.80 -31.65
N SER D 243 -24.49 17.47 -32.77
CA SER D 243 -24.11 16.82 -34.02
C SER D 243 -22.77 16.10 -33.93
N LYS D 244 -21.86 16.60 -33.10
CA LYS D 244 -20.56 15.94 -32.98
C LYS D 244 -20.67 14.55 -32.34
N TYR D 245 -21.75 14.32 -31.62
CA TYR D 245 -22.07 12.97 -31.18
C TYR D 245 -23.23 12.40 -31.97
N HIS D 246 -23.51 12.98 -33.14
CA HIS D 246 -24.46 12.37 -34.07
C HIS D 246 -25.82 12.22 -33.43
N GLY D 247 -26.11 13.03 -32.41
CA GLY D 247 -27.47 13.13 -31.86
C GLY D 247 -28.01 11.88 -31.19
N VAL D 248 -27.12 11.02 -30.69
CA VAL D 248 -27.59 9.70 -30.23
C VAL D 248 -28.47 9.69 -28.97
N SER D 249 -28.47 10.78 -28.20
CA SER D 249 -29.40 10.86 -27.08
C SER D 249 -30.83 11.18 -27.48
N LEU D 250 -31.04 11.52 -28.75
CA LEU D 250 -32.40 11.62 -29.31
C LEU D 250 -32.96 10.27 -29.76
N LEU D 251 -32.08 9.38 -30.18
CA LEU D 251 -32.46 7.99 -30.47
C LEU D 251 -33.44 7.38 -29.48
N ASN D 252 -34.30 6.50 -29.97
CA ASN D 252 -35.19 5.69 -29.14
C ASN D 252 -34.48 4.46 -28.58
N PRO D 253 -34.51 4.25 -27.26
CA PRO D 253 -33.84 3.01 -26.84
C PRO D 253 -34.69 1.85 -27.33
N PRO D 254 -34.16 0.62 -27.29
CA PRO D 254 -35.06 -0.51 -27.50
C PRO D 254 -35.88 -0.77 -26.24
N GLU D 255 -36.99 -1.48 -26.38
CA GLU D 255 -37.87 -1.65 -25.24
C GLU D 255 -37.48 -2.95 -24.56
N THR D 256 -36.86 -3.83 -25.32
CA THR D 256 -36.45 -5.10 -24.72
C THR D 256 -35.13 -5.53 -25.32
N LEU D 257 -34.39 -6.36 -24.59
CA LEU D 257 -33.02 -6.67 -24.95
C LEU D 257 -32.93 -8.05 -25.57
N ASN D 258 -33.73 -8.98 -25.04
CA ASN D 258 -33.89 -10.25 -25.70
C ASN D 258 -32.90 -11.31 -25.25
N LEU D 259 -32.55 -11.27 -23.96
CA LEU D 259 -31.70 -12.31 -23.41
C LEU D 259 -32.46 -13.32 -22.54
N ARG E 1 31.52 -2.84 17.36
CA ARG E 1 31.52 -2.42 15.98
C ARG E 1 31.78 -3.61 15.10
N LEU E 2 30.88 -3.78 14.15
CA LEU E 2 31.07 -4.76 13.09
C LEU E 2 31.79 -4.17 11.91
N ILE E 3 32.91 -4.77 11.54
CA ILE E 3 33.56 -4.24 10.35
C ILE E 3 33.44 -5.21 9.23
N ARG F 1 -22.21 27.55 -7.89
CA ARG F 1 -22.36 26.97 -6.57
C ARG F 1 -23.36 25.85 -6.56
N LEU F 2 -22.95 24.64 -6.19
CA LEU F 2 -23.88 23.56 -5.87
C LEU F 2 -24.41 23.67 -4.45
N ILE F 3 -25.73 23.70 -4.28
CA ILE F 3 -26.28 23.57 -2.93
C ILE F 3 -26.99 22.27 -2.75
#